data_3H2U
#
_entry.id   3H2U
#
_cell.length_a   86.754
_cell.length_b   94.906
_cell.length_c   186.027
_cell.angle_alpha   90.00
_cell.angle_beta   90.00
_cell.angle_gamma   90.00
#
_symmetry.space_group_name_H-M   'P 21 21 21'
#
loop_
_entity.id
_entity.type
_entity.pdbx_description
1 polymer Vinculin
2 polymer Raver-1
3 water water
#
loop_
_entity_poly.entity_id
_entity_poly.type
_entity_poly.pdbx_seq_one_letter_code
_entity_poly.pdbx_strand_id
1 'polypeptide(L)'
;EEKDEEFPEQKAGEVINQPMMMAARQLHDEARKWSSKGNDIIAAAKRMALLMAEMSRLVRGGSGTKRALIQCAKDIAKAS
DEVTRLAKEVAKQCTDKRIRTNLLQVCERIPTISTQLKILSTVKATMLGRTNISDEESEQATEMLVHNAQNLMQSVKETV
REAEAASIKIRTDAGFTLRWVRKTPWYQ
;
A,C
2 'polypeptide(L)'
;LDPEEIRKRLEHTERQFRNRRKILIRGLPGDVTNQEVHDLLSDYELKYCFVDKYKGTAFVTLLNGEQAEAAINAFHQSRL
RERELSVQLQPTDALLCVANLPPSLTQQQFEELVRPFGSLERCFLVYSERTGQSKGYGFAEYMKKDSAARAKSDLLGKPL
GPRTLYVHWTDAGQLTPALLHSRCLCVDRLPPGFNDVDALCRALSAVHSPTFCQLACGQDGQLKGFAVLEYETAEMAEEA
QQQADGLSLGGSHLRVSFCAPGPPGRSMLAALIAAQATALNRG
;
B,D
#
# COMPACT_ATOMS: atom_id res chain seq x y z
N ASP A 4 1.47 -34.55 -0.53
CA ASP A 4 0.64 -35.50 0.23
C ASP A 4 -0.87 -35.48 -0.12
N GLU A 5 -1.67 -35.49 0.93
CA GLU A 5 -3.16 -35.47 0.93
C GLU A 5 -3.90 -34.66 -0.15
N GLU A 6 -4.98 -35.22 -0.71
CA GLU A 6 -5.80 -34.44 -1.65
C GLU A 6 -6.44 -33.21 -0.98
N PHE A 7 -6.87 -32.27 -1.81
CA PHE A 7 -7.47 -31.02 -1.41
C PHE A 7 -8.97 -31.20 -1.42
N PRO A 8 -9.60 -31.15 -0.24
CA PRO A 8 -11.06 -31.26 -0.10
C PRO A 8 -11.80 -30.22 -0.93
N GLU A 9 -13.10 -30.40 -1.13
CA GLU A 9 -13.89 -29.47 -1.94
C GLU A 9 -14.53 -28.33 -1.15
N GLN A 10 -15.26 -27.47 -1.78
CA GLN A 10 -15.89 -26.36 -1.07
C GLN A 10 -17.24 -26.54 -0.35
N LYS A 11 -17.81 -25.53 0.22
CA LYS A 11 -18.87 -25.64 1.17
C LYS A 11 -19.56 -24.32 1.54
N ALA A 12 -19.97 -24.03 2.76
CA ALA A 12 -20.50 -22.67 3.09
C ALA A 12 -19.68 -21.34 2.93
N GLY A 13 -18.45 -21.25 3.37
CA GLY A 13 -18.01 -22.17 4.35
C GLY A 13 -17.13 -21.58 5.35
N GLU A 14 -16.06 -21.01 4.88
CA GLU A 14 -15.73 -21.06 3.54
C GLU A 14 -16.18 -19.76 3.15
N VAL A 15 -15.52 -18.88 3.79
CA VAL A 15 -15.20 -17.69 3.24
C VAL A 15 -13.89 -17.74 2.84
N ILE A 16 -13.68 -17.78 1.58
CA ILE A 16 -12.49 -17.77 0.96
C ILE A 16 -12.67 -17.19 -0.32
N ASN A 17 -11.65 -16.85 -0.99
CA ASN A 17 -11.72 -16.29 -2.32
C ASN A 17 -11.52 -17.51 -3.21
N GLN A 18 -12.54 -17.83 -4.01
CA GLN A 18 -12.53 -19.06 -4.79
C GLN A 18 -11.49 -19.18 -5.88
N PRO A 19 -11.33 -18.12 -6.66
CA PRO A 19 -10.34 -18.17 -7.76
C PRO A 19 -8.96 -18.45 -7.22
N MET A 20 -8.67 -17.92 -6.04
CA MET A 20 -7.40 -18.17 -5.37
C MET A 20 -7.29 -19.60 -4.83
N MET A 21 -8.36 -20.10 -4.24
CA MET A 21 -8.31 -21.49 -3.77
C MET A 21 -8.18 -22.45 -4.96
N MET A 22 -8.76 -22.06 -6.08
CA MET A 22 -8.67 -22.84 -7.29
C MET A 22 -7.24 -22.91 -7.78
N ALA A 23 -6.62 -21.73 -7.88
CA ALA A 23 -5.22 -21.62 -8.30
C ALA A 23 -4.35 -22.49 -7.39
N ALA A 24 -4.58 -22.37 -6.09
CA ALA A 24 -3.86 -23.19 -5.14
C ALA A 24 -4.07 -24.66 -5.49
N ARG A 25 -5.33 -25.05 -5.65
CA ARG A 25 -5.67 -26.44 -5.97
C ARG A 25 -4.99 -26.95 -7.27
N GLN A 26 -4.94 -26.12 -8.30
CA GLN A 26 -4.26 -26.47 -9.53
C GLN A 26 -2.78 -26.81 -9.25
N LEU A 27 -2.11 -26.00 -8.44
CA LEU A 27 -0.71 -26.28 -8.16
C LEU A 27 -0.62 -27.52 -7.34
N HIS A 28 -1.46 -27.60 -6.32
CA HIS A 28 -1.46 -28.77 -5.43
C HIS A 28 -1.56 -30.05 -6.17
N ASP A 29 -2.50 -30.11 -7.07
CA ASP A 29 -2.73 -31.32 -7.86
C ASP A 29 -1.54 -31.73 -8.74
N GLU A 30 -0.74 -30.79 -9.19
CA GLU A 30 0.38 -31.17 -10.04
C GLU A 30 1.49 -31.73 -9.16
N ALA A 31 1.88 -30.93 -8.18
CA ALA A 31 2.94 -31.29 -7.25
C ALA A 31 2.63 -32.57 -6.50
N ARG A 32 1.34 -32.82 -6.26
CA ARG A 32 0.97 -33.89 -5.34
C ARG A 32 1.50 -35.21 -5.88
N LYS A 33 1.45 -35.39 -7.19
CA LYS A 33 1.70 -36.68 -7.80
C LYS A 33 3.08 -37.13 -7.53
N TRP A 34 3.91 -36.24 -7.01
CA TRP A 34 5.35 -36.48 -6.90
C TRP A 34 5.88 -36.58 -5.50
N SER A 35 6.96 -37.33 -5.34
CA SER A 35 7.71 -37.39 -4.10
C SER A 35 8.60 -36.13 -3.95
N SER A 36 8.74 -35.66 -2.71
CA SER A 36 9.55 -34.49 -2.44
C SER A 36 10.96 -35.00 -2.20
N LYS A 37 11.11 -36.29 -1.97
CA LYS A 37 12.43 -36.82 -1.72
C LYS A 37 13.32 -36.67 -2.95
N GLY A 38 14.35 -35.85 -2.83
CA GLY A 38 15.32 -35.64 -3.90
C GLY A 38 14.85 -34.60 -4.87
N ASN A 39 13.78 -33.89 -4.50
CA ASN A 39 13.19 -32.87 -5.36
C ASN A 39 12.63 -31.67 -4.60
N ASP A 40 13.46 -30.62 -4.49
CA ASP A 40 13.11 -29.43 -3.74
C ASP A 40 12.14 -28.51 -4.43
N ILE A 41 12.07 -28.62 -5.76
CA ILE A 41 11.07 -27.83 -6.48
C ILE A 41 9.69 -28.34 -6.06
N ILE A 42 9.56 -29.66 -5.93
CA ILE A 42 8.28 -30.29 -5.54
C ILE A 42 7.92 -29.97 -4.11
N ALA A 43 8.93 -30.08 -3.24
CA ALA A 43 8.75 -29.72 -1.83
C ALA A 43 8.27 -28.27 -1.68
N ALA A 44 8.93 -27.36 -2.39
CA ALA A 44 8.60 -25.93 -2.32
C ALA A 44 7.27 -25.60 -2.94
N ALA A 45 6.95 -26.27 -4.04
CA ALA A 45 5.66 -26.10 -4.72
C ALA A 45 4.52 -26.47 -3.78
N LYS A 46 4.72 -27.51 -2.99
CA LYS A 46 3.68 -28.01 -2.10
C LYS A 46 3.40 -27.01 -1.02
N ARG A 47 4.46 -26.38 -0.56
CA ARG A 47 4.39 -25.33 0.45
C ARG A 47 3.66 -24.11 -0.14
N MET A 48 4.00 -23.74 -1.37
CA MET A 48 3.33 -22.61 -2.02
C MET A 48 1.85 -22.78 -2.16
N ALA A 49 1.41 -23.95 -2.59
CA ALA A 49 0.00 -24.24 -2.78
C ALA A 49 -0.72 -24.17 -1.43
N LEU A 50 -0.18 -24.83 -0.40
CA LEU A 50 -0.80 -24.74 0.93
C LEU A 50 -0.84 -23.31 1.42
N LEU A 51 0.21 -22.54 1.13
CA LEU A 51 0.24 -21.11 1.55
C LEU A 51 -0.78 -20.28 0.77
N MET A 52 -0.95 -20.59 -0.52
CA MET A 52 -1.92 -19.92 -1.38
C MET A 52 -3.34 -20.20 -0.89
N ALA A 53 -3.52 -21.39 -0.34
CA ALA A 53 -4.80 -21.80 0.25
C ALA A 53 -5.04 -20.91 1.44
N GLU A 54 -4.04 -20.75 2.29
CA GLU A 54 -4.23 -19.88 3.48
C GLU A 54 -4.52 -18.50 2.97
N MET A 55 -3.85 -18.07 1.90
CA MET A 55 -4.08 -16.72 1.39
C MET A 55 -5.49 -16.52 0.98
N SER A 56 -6.07 -17.56 0.39
CA SER A 56 -7.46 -17.46 -0.06
C SER A 56 -8.48 -17.24 1.08
N ARG A 57 -8.04 -17.47 2.32
CA ARG A 57 -8.86 -17.22 3.50
C ARG A 57 -8.56 -15.79 4.01
N LEU A 58 -7.26 -15.51 4.18
CA LEU A 58 -6.80 -14.28 4.78
C LEU A 58 -7.37 -13.10 4.05
N VAL A 59 -7.40 -13.23 2.75
CA VAL A 59 -7.83 -12.14 1.90
C VAL A 59 -9.30 -11.82 2.10
N ARG A 60 -10.02 -12.67 2.80
CA ARG A 60 -11.42 -12.43 3.02
C ARG A 60 -11.61 -11.60 4.30
N GLY A 61 -10.52 -11.03 4.80
CA GLY A 61 -10.55 -10.15 5.97
C GLY A 61 -10.65 -10.97 7.24
N GLY A 62 -10.65 -10.32 8.40
CA GLY A 62 -10.77 -11.05 9.66
C GLY A 62 -9.78 -10.62 10.75
N SER A 63 -9.88 -11.27 11.91
CA SER A 63 -8.96 -10.96 13.00
C SER A 63 -7.53 -11.40 12.72
N GLY A 64 -6.64 -10.42 12.82
CA GLY A 64 -5.20 -10.52 12.63
C GLY A 64 -4.80 -10.79 11.19
N THR A 65 -5.73 -10.64 10.23
CA THR A 65 -5.39 -10.95 8.84
C THR A 65 -4.36 -10.05 8.14
N LYS A 66 -4.27 -8.79 8.58
CA LYS A 66 -3.32 -7.88 7.97
C LYS A 66 -1.86 -8.34 8.14
N ARG A 67 -1.41 -8.48 9.38
CA ARG A 67 -0.04 -8.95 9.60
C ARG A 67 0.17 -10.29 8.90
N ALA A 68 -0.83 -11.15 9.08
CA ALA A 68 -0.81 -12.49 8.53
C ALA A 68 -0.65 -12.53 7.03
N LEU A 69 -1.47 -11.73 6.35
CA LEU A 69 -1.51 -11.76 4.90
C LEU A 69 -0.23 -11.23 4.31
N ILE A 70 0.39 -10.29 5.00
CA ILE A 70 1.66 -9.75 4.55
C ILE A 70 2.73 -10.82 4.69
N GLN A 71 2.78 -11.50 5.82
CA GLN A 71 3.78 -12.57 6.01
C GLN A 71 3.55 -13.70 5.00
N CYS A 72 2.29 -14.07 4.79
CA CYS A 72 1.95 -15.13 3.85
C CYS A 72 2.60 -14.88 2.48
N ALA A 73 2.44 -13.67 2.00
CA ALA A 73 3.00 -13.28 0.72
C ALA A 73 4.51 -13.42 0.79
N LYS A 74 5.09 -13.09 1.95
CA LYS A 74 6.55 -13.15 2.07
C LYS A 74 7.02 -14.58 1.99
N ASP A 75 6.28 -15.46 2.69
CA ASP A 75 6.56 -16.92 2.72
C ASP A 75 6.48 -17.49 1.32
N ILE A 76 5.41 -17.15 0.62
CA ILE A 76 5.28 -17.61 -0.77
C ILE A 76 6.43 -17.12 -1.64
N ALA A 77 6.74 -15.84 -1.51
CA ALA A 77 7.85 -15.22 -2.26
C ALA A 77 9.15 -15.98 -1.99
N LYS A 78 9.43 -16.28 -0.73
CA LYS A 78 10.67 -16.99 -0.46
C LYS A 78 10.68 -18.34 -1.13
N ALA A 79 9.55 -19.04 -1.09
CA ALA A 79 9.48 -20.37 -1.68
C ALA A 79 9.64 -20.34 -3.19
N SER A 80 9.07 -19.34 -3.86
CA SER A 80 9.25 -19.23 -5.31
C SER A 80 10.69 -19.03 -5.73
N ASP A 81 11.49 -18.35 -4.90
CA ASP A 81 12.92 -18.09 -5.16
C ASP A 81 13.65 -19.43 -5.31
N GLU A 82 13.41 -20.32 -4.35
CA GLU A 82 13.95 -21.68 -4.40
C GLU A 82 13.54 -22.36 -5.74
N VAL A 83 12.25 -22.28 -6.07
CA VAL A 83 11.75 -22.89 -7.32
C VAL A 83 12.48 -22.35 -8.56
N THR A 84 12.64 -21.03 -8.63
CA THR A 84 13.37 -20.37 -9.71
C THR A 84 14.84 -20.79 -9.71
N ARG A 85 15.45 -20.68 -8.53
CA ARG A 85 16.87 -20.98 -8.37
C ARG A 85 17.15 -22.39 -8.84
N LEU A 86 16.39 -23.34 -8.28
CA LEU A 86 16.49 -24.77 -8.63
C LEU A 86 16.12 -25.04 -10.10
N ALA A 87 15.12 -24.34 -10.59
CA ALA A 87 14.69 -24.51 -11.97
C ALA A 87 15.76 -24.01 -12.98
N LYS A 88 16.60 -23.04 -12.63
CA LYS A 88 17.69 -22.60 -13.52
C LYS A 88 18.86 -23.58 -13.51
N GLU A 89 19.09 -24.25 -12.39
CA GLU A 89 20.15 -25.23 -12.36
C GLU A 89 19.83 -26.36 -13.33
N VAL A 90 18.55 -26.72 -13.39
CA VAL A 90 18.07 -27.78 -14.27
C VAL A 90 18.25 -27.34 -15.72
N ALA A 91 17.78 -26.15 -16.04
CA ALA A 91 17.93 -25.60 -17.40
C ALA A 91 19.39 -25.63 -17.86
N LYS A 92 20.28 -25.33 -16.93
CA LYS A 92 21.73 -25.30 -17.16
C LYS A 92 22.28 -26.64 -17.60
N GLN A 93 21.69 -27.72 -17.08
CA GLN A 93 22.14 -29.08 -17.34
C GLN A 93 21.40 -29.82 -18.47
N CYS A 94 20.41 -29.15 -19.03
CA CYS A 94 19.55 -29.73 -20.05
C CYS A 94 20.05 -29.49 -21.48
N THR A 95 20.09 -30.56 -22.29
CA THR A 95 20.58 -30.57 -23.68
C THR A 95 19.52 -30.30 -24.79
N ASP A 96 18.27 -30.08 -24.44
CA ASP A 96 17.19 -29.85 -25.41
C ASP A 96 16.82 -28.36 -25.44
N LYS A 97 17.06 -27.72 -26.57
CA LYS A 97 16.88 -26.28 -26.67
C LYS A 97 15.46 -25.86 -26.41
N ARG A 98 14.53 -26.62 -26.97
CA ARG A 98 13.13 -26.33 -26.81
C ARG A 98 12.78 -26.32 -25.32
N ILE A 99 13.09 -27.42 -24.60
CA ILE A 99 12.79 -27.52 -23.16
C ILE A 99 13.55 -26.55 -22.28
N ARG A 100 14.84 -26.42 -22.54
CA ARG A 100 15.71 -25.53 -21.79
C ARG A 100 15.21 -24.10 -21.91
N THR A 101 14.69 -23.79 -23.09
CA THR A 101 14.15 -22.47 -23.41
C THR A 101 12.80 -22.25 -22.72
N ASN A 102 11.84 -23.16 -22.89
CA ASN A 102 10.57 -23.04 -22.18
C ASN A 102 10.89 -22.96 -20.68
N LEU A 103 11.81 -23.80 -20.21
CA LEU A 103 12.13 -23.77 -18.80
C LEU A 103 12.64 -22.42 -18.32
N LEU A 104 13.60 -21.84 -19.03
CA LEU A 104 14.13 -20.55 -18.62
C LEU A 104 13.06 -19.49 -18.72
N GLN A 105 12.35 -19.46 -19.85
CA GLN A 105 11.29 -18.48 -20.01
C GLN A 105 10.34 -18.54 -18.82
N VAL A 106 9.55 -19.61 -18.78
CA VAL A 106 8.50 -19.84 -17.77
C VAL A 106 8.90 -19.64 -16.33
N CYS A 107 10.13 -19.20 -16.10
CA CYS A 107 10.66 -19.08 -14.74
C CYS A 107 11.51 -17.85 -14.51
N GLU A 108 11.76 -17.08 -15.54
CA GLU A 108 12.50 -15.85 -15.35
C GLU A 108 11.49 -14.77 -14.98
N ARG A 109 10.20 -15.11 -15.04
CA ARG A 109 9.12 -14.19 -14.67
C ARG A 109 8.64 -14.38 -13.23
N ILE A 110 8.93 -15.55 -12.69
CA ILE A 110 8.51 -15.88 -11.33
C ILE A 110 8.80 -14.81 -10.27
N PRO A 111 10.06 -14.41 -10.13
CA PRO A 111 10.51 -13.39 -9.16
C PRO A 111 9.73 -12.09 -9.31
N THR A 112 9.42 -11.73 -10.53
CA THR A 112 8.63 -10.55 -10.77
C THR A 112 7.22 -10.72 -10.21
N ILE A 113 6.53 -11.79 -10.64
CA ILE A 113 5.18 -12.05 -10.13
C ILE A 113 5.15 -12.05 -8.60
N SER A 114 6.22 -12.59 -7.99
CA SER A 114 6.35 -12.70 -6.53
C SER A 114 6.45 -11.35 -5.86
N THR A 115 7.36 -10.50 -6.37
CA THR A 115 7.52 -9.14 -5.84
C THR A 115 6.16 -8.47 -5.91
N GLN A 116 5.53 -8.52 -7.08
CA GLN A 116 4.23 -7.87 -7.16
C GLN A 116 3.24 -8.43 -6.12
N LEU A 117 3.36 -9.72 -5.83
CA LEU A 117 2.51 -10.37 -4.84
C LEU A 117 2.70 -9.73 -3.47
N LYS A 118 3.94 -9.52 -3.06
CA LYS A 118 4.18 -8.84 -1.80
C LYS A 118 3.49 -7.45 -1.83
N ILE A 119 3.85 -6.62 -2.81
CA ILE A 119 3.25 -5.29 -2.99
C ILE A 119 1.72 -5.33 -2.89
N LEU A 120 1.08 -6.19 -3.69
CA LEU A 120 -0.38 -6.36 -3.68
C LEU A 120 -0.95 -6.88 -2.35
N SER A 121 -0.37 -7.93 -1.80
CA SER A 121 -0.78 -8.47 -0.49
C SER A 121 -0.84 -7.36 0.52
N THR A 122 0.24 -6.60 0.61
CA THR A 122 0.35 -5.43 1.49
C THR A 122 -0.72 -4.36 1.26
N VAL A 123 -0.99 -4.05 0.00
CA VAL A 123 -2.06 -3.10 -0.28
C VAL A 123 -3.35 -3.70 0.35
N LYS A 124 -3.74 -4.88 -0.11
CA LYS A 124 -4.95 -5.54 0.38
C LYS A 124 -4.95 -5.67 1.90
N ALA A 125 -3.79 -5.99 2.48
CA ALA A 125 -3.63 -6.07 3.93
C ALA A 125 -3.99 -4.74 4.61
N THR A 126 -3.55 -3.62 4.03
CA THR A 126 -3.84 -2.28 4.60
C THR A 126 -5.32 -1.95 4.48
N MET A 127 -5.98 -2.48 3.45
CA MET A 127 -7.40 -2.23 3.30
C MET A 127 -8.27 -3.05 4.26
N LEU A 128 -7.84 -4.28 4.55
CA LEU A 128 -8.56 -5.19 5.45
C LEU A 128 -9.05 -4.46 6.71
N GLY A 129 -10.38 -4.42 6.87
CA GLY A 129 -11.04 -3.77 8.00
C GLY A 129 -11.60 -2.38 7.69
N ARG A 130 -10.69 -1.43 7.44
CA ARG A 130 -11.04 -0.04 7.14
C ARG A 130 -12.24 0.08 6.20
N THR A 131 -13.34 0.58 6.73
CA THR A 131 -14.56 0.79 5.94
C THR A 131 -14.56 2.18 5.30
N ASN A 132 -13.46 2.90 5.51
CA ASN A 132 -13.22 4.25 4.98
C ASN A 132 -12.44 4.14 3.66
N ILE A 133 -12.61 3.00 3.00
CA ILE A 133 -11.95 2.67 1.73
C ILE A 133 -13.04 2.26 0.73
N SER A 134 -13.11 2.98 -0.40
CA SER A 134 -14.11 2.71 -1.41
C SER A 134 -14.23 1.23 -1.71
N ASP A 135 -15.46 0.80 -1.94
CA ASP A 135 -15.66 -0.61 -2.23
C ASP A 135 -14.84 -0.90 -3.48
N GLU A 136 -14.93 0.00 -4.47
CA GLU A 136 -14.21 -0.19 -5.73
C GLU A 136 -12.70 -0.19 -5.65
N GLU A 137 -12.16 0.44 -4.61
CA GLU A 137 -10.73 0.47 -4.47
C GLU A 137 -10.25 -0.87 -3.90
N SER A 138 -11.00 -1.43 -2.96
CA SER A 138 -10.63 -2.70 -2.35
C SER A 138 -10.90 -3.85 -3.33
N GLU A 139 -12.05 -3.80 -3.98
CA GLU A 139 -12.42 -4.85 -4.92
C GLU A 139 -11.34 -4.94 -5.98
N GLN A 140 -10.90 -3.79 -6.46
CA GLN A 140 -9.84 -3.75 -7.49
C GLN A 140 -8.53 -4.26 -6.89
N ALA A 141 -8.30 -3.99 -5.62
CA ALA A 141 -7.07 -4.43 -4.99
C ALA A 141 -7.08 -5.98 -5.01
N THR A 142 -8.21 -6.53 -4.57
CA THR A 142 -8.43 -7.95 -4.53
C THR A 142 -8.20 -8.57 -5.90
N GLU A 143 -8.70 -7.88 -6.92
CA GLU A 143 -8.63 -8.42 -8.27
C GLU A 143 -7.24 -8.45 -8.79
N MET A 144 -6.44 -7.50 -8.36
CA MET A 144 -5.06 -7.44 -8.85
C MET A 144 -4.31 -8.59 -8.24
N LEU A 145 -4.59 -8.79 -6.96
CA LEU A 145 -4.00 -9.86 -6.18
C LEU A 145 -4.43 -11.28 -6.70
N VAL A 146 -5.73 -11.47 -6.95
CA VAL A 146 -6.26 -12.76 -7.45
C VAL A 146 -5.56 -13.06 -8.78
N HIS A 147 -5.48 -12.07 -9.64
CA HIS A 147 -4.86 -12.30 -10.93
C HIS A 147 -3.37 -12.57 -10.76
N ASN A 148 -2.73 -11.90 -9.82
CA ASN A 148 -1.30 -12.13 -9.61
C ASN A 148 -1.10 -13.55 -9.08
N ALA A 149 -1.92 -13.92 -8.09
CA ALA A 149 -1.90 -15.27 -7.53
C ALA A 149 -2.05 -16.39 -8.62
N GLN A 150 -3.01 -16.17 -9.53
CA GLN A 150 -3.21 -17.10 -10.63
C GLN A 150 -1.97 -17.27 -11.47
N ASN A 151 -1.35 -16.17 -11.92
CA ASN A 151 -0.11 -16.27 -12.72
C ASN A 151 0.93 -17.08 -11.98
N LEU A 152 1.13 -16.74 -10.71
CA LEU A 152 2.13 -17.43 -9.88
C LEU A 152 1.86 -18.92 -9.74
N MET A 153 0.61 -19.26 -9.47
CA MET A 153 0.24 -20.64 -9.39
C MET A 153 0.47 -21.34 -10.71
N GLN A 154 0.07 -20.72 -11.80
CA GLN A 154 0.27 -21.31 -13.13
C GLN A 154 1.73 -21.44 -13.53
N SER A 155 2.45 -20.34 -13.35
CA SER A 155 3.86 -20.25 -13.70
C SER A 155 4.70 -21.35 -13.03
N VAL A 156 4.39 -21.61 -11.76
CA VAL A 156 5.08 -22.63 -11.01
C VAL A 156 4.66 -24.01 -11.42
N LYS A 157 3.40 -24.16 -11.77
CA LYS A 157 2.90 -25.45 -12.22
C LYS A 157 3.63 -25.83 -13.54
N GLU A 158 3.85 -24.83 -14.40
CA GLU A 158 4.52 -25.05 -15.67
C GLU A 158 5.99 -25.37 -15.49
N THR A 159 6.58 -24.78 -14.46
CA THR A 159 8.00 -24.98 -14.10
C THR A 159 8.15 -26.44 -13.66
N VAL A 160 7.18 -26.93 -12.87
CA VAL A 160 7.17 -28.32 -12.42
C VAL A 160 7.16 -29.23 -13.65
N ARG A 161 6.13 -29.10 -14.48
CA ARG A 161 6.03 -29.85 -15.76
C ARG A 161 7.24 -29.75 -16.72
N GLU A 162 7.85 -28.57 -16.89
CA GLU A 162 9.05 -28.48 -17.74
C GLU A 162 10.27 -29.09 -17.09
N ALA A 163 10.42 -28.88 -15.78
CA ALA A 163 11.57 -29.43 -15.08
C ALA A 163 11.53 -30.92 -15.25
N GLU A 164 10.36 -31.51 -15.10
CA GLU A 164 10.23 -32.95 -15.15
C GLU A 164 10.59 -33.46 -16.56
N ALA A 165 10.14 -32.71 -17.56
CA ALA A 165 10.45 -33.01 -18.95
C ALA A 165 11.96 -33.02 -19.19
N ALA A 166 12.66 -32.00 -18.70
CA ALA A 166 14.11 -31.90 -18.83
C ALA A 166 14.86 -33.06 -18.19
N SER A 167 14.23 -33.77 -17.27
CA SER A 167 14.87 -34.85 -16.52
C SER A 167 15.35 -35.99 -17.38
N ILE A 168 14.79 -36.03 -18.57
CA ILE A 168 15.01 -37.08 -19.51
C ILE A 168 15.82 -36.54 -20.67
N LYS A 169 16.27 -35.29 -20.53
CA LYS A 169 17.10 -34.60 -21.51
C LYS A 169 18.21 -33.78 -20.88
N ILE A 170 18.93 -34.43 -19.96
CA ILE A 170 20.03 -33.86 -19.22
C ILE A 170 21.38 -34.38 -19.74
N ARG A 171 22.39 -33.52 -19.65
CA ARG A 171 23.71 -33.86 -20.17
C ARG A 171 24.26 -35.07 -19.46
N THR A 172 25.16 -35.78 -20.10
CA THR A 172 25.74 -36.90 -19.43
C THR A 172 26.60 -36.43 -18.26
N ASP A 173 26.58 -37.18 -17.15
CA ASP A 173 27.34 -36.82 -15.97
C ASP A 173 27.07 -35.39 -15.53
N ALA A 174 25.80 -35.06 -15.30
CA ALA A 174 25.39 -33.72 -14.87
C ALA A 174 25.76 -33.41 -13.41
N GLY A 175 25.99 -32.13 -13.11
CA GLY A 175 26.33 -31.68 -11.78
C GLY A 175 25.13 -31.42 -10.86
N PHE A 176 23.93 -31.46 -11.45
CA PHE A 176 22.70 -31.25 -10.70
C PHE A 176 21.55 -31.98 -11.42
N THR A 177 20.73 -32.69 -10.65
CA THR A 177 19.55 -33.40 -11.15
C THR A 177 18.45 -33.34 -10.09
N LEU A 178 17.17 -33.38 -10.51
CA LEU A 178 16.06 -33.47 -9.56
C LEU A 178 15.45 -34.87 -9.78
N ARG A 179 14.98 -35.52 -8.70
CA ARG A 179 14.35 -36.87 -8.76
C ARG A 179 12.85 -36.81 -9.03
N TRP A 180 12.36 -37.49 -10.06
CA TRP A 180 10.92 -37.44 -10.39
C TRP A 180 10.31 -38.82 -10.23
N VAL A 181 9.81 -39.09 -9.03
CA VAL A 181 9.30 -40.42 -8.70
C VAL A 181 7.85 -40.31 -8.20
N ARG A 182 6.95 -41.07 -8.78
CA ARG A 182 5.53 -40.92 -8.47
C ARG A 182 5.17 -41.28 -7.06
N LYS A 183 4.11 -40.67 -6.57
CA LYS A 183 3.60 -40.91 -5.21
C LYS A 183 2.19 -41.46 -5.40
N THR A 184 2.13 -42.65 -6.02
CA THR A 184 0.88 -43.32 -6.39
C THR A 184 0.91 -44.84 -6.12
N PRO A 185 -0.26 -45.48 -6.10
CA PRO A 185 -0.35 -46.91 -5.80
C PRO A 185 0.96 -47.46 -5.25
N LEU B 1 -29.36 -45.91 49.86
CA LEU B 1 -28.28 -45.15 49.22
C LEU B 1 -27.59 -44.10 50.11
N ASP B 2 -26.37 -44.42 50.53
CA ASP B 2 -25.57 -43.50 51.36
C ASP B 2 -25.42 -42.14 50.68
N PRO B 3 -24.95 -41.13 51.43
CA PRO B 3 -24.79 -39.86 50.73
C PRO B 3 -23.31 -39.69 50.41
N GLU B 4 -22.49 -40.58 50.93
CA GLU B 4 -21.08 -40.52 50.59
C GLU B 4 -20.86 -41.30 49.29
N GLU B 5 -21.78 -42.22 49.00
CA GLU B 5 -21.71 -42.95 47.77
C GLU B 5 -22.37 -42.11 46.68
N ILE B 6 -23.54 -41.54 46.97
CA ILE B 6 -24.19 -40.67 46.02
C ILE B 6 -23.21 -39.62 45.53
N ARG B 7 -22.56 -38.94 46.46
CA ARG B 7 -21.67 -37.85 46.07
C ARG B 7 -20.47 -38.32 45.27
N LYS B 8 -19.94 -39.50 45.61
CA LYS B 8 -18.78 -40.06 44.91
C LYS B 8 -19.10 -40.42 43.44
N ARG B 9 -20.32 -40.96 43.25
CA ARG B 9 -20.86 -41.31 41.95
C ARG B 9 -20.96 -40.02 41.11
N LEU B 10 -21.87 -39.14 41.53
CA LEU B 10 -22.07 -37.84 40.89
C LEU B 10 -20.74 -37.14 40.62
N GLU B 11 -19.80 -37.31 41.52
CA GLU B 11 -18.48 -36.69 41.40
C GLU B 11 -17.72 -37.27 40.21
N HIS B 12 -17.67 -38.61 40.14
CA HIS B 12 -16.98 -39.34 39.07
C HIS B 12 -17.52 -38.96 37.71
N THR B 13 -18.85 -38.94 37.64
CA THR B 13 -19.55 -38.57 36.41
C THR B 13 -19.10 -37.20 35.90
N GLU B 14 -18.89 -36.27 36.83
CA GLU B 14 -18.49 -34.92 36.46
C GLU B 14 -17.07 -34.90 35.93
N ARG B 15 -16.17 -35.52 36.68
CA ARG B 15 -14.78 -35.62 36.27
C ARG B 15 -14.73 -36.12 34.80
N GLN B 16 -15.57 -37.11 34.49
CA GLN B 16 -15.68 -37.70 33.15
C GLN B 16 -16.28 -36.70 32.17
N PHE B 17 -17.46 -36.19 32.49
CA PHE B 17 -18.10 -35.23 31.58
C PHE B 17 -17.19 -34.02 31.24
N ARG B 18 -16.28 -33.67 32.17
CA ARG B 18 -15.44 -32.51 31.97
C ARG B 18 -14.03 -32.78 31.54
N ASN B 19 -13.63 -34.05 31.46
CA ASN B 19 -12.28 -34.35 30.98
C ASN B 19 -12.24 -34.23 29.46
N ARG B 20 -12.44 -32.99 29.00
CA ARG B 20 -12.40 -32.59 27.59
C ARG B 20 -10.95 -32.08 27.40
N ARG B 21 -10.10 -32.96 26.88
CA ARG B 21 -8.67 -32.73 26.70
C ARG B 21 -8.29 -32.66 25.19
N LYS B 22 -9.30 -32.51 24.33
CA LYS B 22 -9.04 -32.41 22.89
C LYS B 22 -9.22 -30.93 22.46
N ILE B 23 -8.17 -30.36 21.87
CA ILE B 23 -8.19 -28.95 21.41
C ILE B 23 -8.03 -28.81 19.90
N LEU B 24 -8.49 -27.68 19.39
CA LEU B 24 -8.40 -27.35 17.98
C LEU B 24 -7.67 -26.01 17.82
N ILE B 25 -6.63 -25.97 17.00
CA ILE B 25 -5.91 -24.73 16.71
C ILE B 25 -6.18 -24.35 15.26
N ARG B 26 -6.81 -23.22 15.02
CA ARG B 26 -7.01 -22.79 13.64
C ARG B 26 -6.18 -21.52 13.43
N GLY B 27 -5.86 -21.22 12.17
CA GLY B 27 -5.16 -20.02 11.77
C GLY B 27 -3.70 -20.23 11.55
N LEU B 28 -3.26 -21.49 11.60
CA LEU B 28 -1.83 -21.79 11.47
C LEU B 28 -1.30 -21.43 10.10
N PRO B 29 0.01 -21.19 9.99
CA PRO B 29 0.53 -20.84 8.66
C PRO B 29 0.37 -22.00 7.68
N GLY B 30 0.10 -21.71 6.41
CA GLY B 30 -0.07 -22.77 5.42
C GLY B 30 1.06 -23.76 5.38
N ASP B 31 2.25 -23.30 5.73
CA ASP B 31 3.43 -24.15 5.69
C ASP B 31 3.88 -24.60 7.10
N VAL B 32 2.93 -24.58 8.04
CA VAL B 32 3.25 -25.04 9.37
C VAL B 32 3.69 -26.53 9.35
N THR B 33 4.61 -26.91 10.22
CA THR B 33 5.03 -28.31 10.30
C THR B 33 4.64 -28.84 11.67
N ASN B 34 4.48 -30.15 11.79
CA ASN B 34 4.19 -30.75 13.09
C ASN B 34 5.22 -30.34 14.14
N GLN B 35 6.50 -30.37 13.78
CA GLN B 35 7.53 -29.92 14.70
C GLN B 35 7.13 -28.54 15.28
N GLU B 36 6.55 -27.70 14.44
CA GLU B 36 6.20 -26.38 14.91
C GLU B 36 5.14 -26.41 15.98
N VAL B 37 4.17 -27.32 15.83
CA VAL B 37 3.07 -27.42 16.79
C VAL B 37 3.56 -28.06 18.05
N HIS B 38 4.36 -29.10 17.90
CA HIS B 38 4.89 -29.74 19.06
C HIS B 38 5.72 -28.75 19.87
N ASP B 39 6.50 -27.91 19.19
CA ASP B 39 7.28 -26.90 19.88
C ASP B 39 6.39 -25.95 20.65
N LEU B 40 5.44 -25.37 19.93
CA LEU B 40 4.45 -24.46 20.50
C LEU B 40 3.83 -25.04 21.79
N LEU B 41 3.57 -26.34 21.81
CA LEU B 41 2.95 -26.97 22.98
C LEU B 41 3.91 -27.82 23.78
N SER B 42 5.16 -27.39 23.83
CA SER B 42 6.19 -28.13 24.53
C SER B 42 6.08 -28.20 26.06
N ASP B 43 5.35 -27.28 26.69
CA ASP B 43 5.17 -27.35 28.13
C ASP B 43 4.06 -28.34 28.45
N TYR B 44 3.42 -28.88 27.42
CA TYR B 44 2.30 -29.79 27.67
C TYR B 44 2.62 -31.21 27.25
N GLU B 45 1.84 -32.15 27.73
CA GLU B 45 2.01 -33.52 27.31
C GLU B 45 1.05 -33.77 26.17
N LEU B 46 1.58 -33.97 24.97
CA LEU B 46 0.75 -34.21 23.76
C LEU B 46 0.52 -35.69 23.67
N LYS B 47 -0.73 -36.10 23.64
CA LYS B 47 -0.95 -37.49 23.44
C LYS B 47 -1.17 -37.73 21.97
N TYR B 48 -1.65 -36.72 21.24
CA TYR B 48 -1.93 -36.89 19.80
C TYR B 48 -1.95 -35.56 19.08
N CYS B 49 -1.36 -35.55 17.90
CA CYS B 49 -1.30 -34.34 17.09
C CYS B 49 -1.47 -34.64 15.62
N PHE B 50 -2.51 -34.07 15.03
CA PHE B 50 -2.71 -34.15 13.59
C PHE B 50 -2.97 -32.78 12.98
N VAL B 51 -2.13 -32.41 12.01
CA VAL B 51 -2.22 -31.11 11.36
C VAL B 51 -2.86 -31.21 10.00
N ASP B 52 -4.01 -30.56 9.84
CA ASP B 52 -4.65 -30.48 8.53
C ASP B 52 -4.04 -29.31 7.76
N LYS B 53 -2.97 -29.60 7.03
CA LYS B 53 -2.25 -28.58 6.32
C LYS B 53 -3.05 -27.71 5.34
N TYR B 54 -4.05 -28.31 4.71
CA TYR B 54 -4.91 -27.58 3.80
C TYR B 54 -5.88 -26.61 4.51
N LYS B 55 -6.08 -26.80 5.81
CA LYS B 55 -6.99 -25.97 6.60
C LYS B 55 -6.30 -25.07 7.60
N GLY B 56 -5.02 -25.32 7.87
CA GLY B 56 -4.31 -24.52 8.82
C GLY B 56 -4.86 -24.75 10.20
N THR B 57 -5.30 -25.98 10.46
CA THR B 57 -5.83 -26.34 11.78
C THR B 57 -5.01 -27.52 12.29
N ALA B 58 -4.94 -27.67 13.60
CA ALA B 58 -4.26 -28.80 14.21
C ALA B 58 -5.15 -29.40 15.31
N PHE B 59 -5.40 -30.70 15.21
CA PHE B 59 -6.20 -31.42 16.20
C PHE B 59 -5.21 -32.06 17.14
N VAL B 60 -5.22 -31.59 18.40
CA VAL B 60 -4.26 -31.97 19.45
C VAL B 60 -4.95 -32.51 20.71
N THR B 61 -4.51 -33.68 21.15
CA THR B 61 -5.02 -34.31 22.36
C THR B 61 -3.96 -34.15 23.42
N LEU B 62 -4.28 -33.42 24.46
CA LEU B 62 -3.33 -33.23 25.57
C LEU B 62 -3.57 -34.27 26.65
N LEU B 63 -2.70 -34.27 27.67
CA LEU B 63 -2.82 -35.29 28.70
C LEU B 63 -4.21 -35.33 29.32
N ASN B 64 -4.75 -34.13 29.61
CA ASN B 64 -6.04 -34.00 30.24
C ASN B 64 -6.63 -32.62 30.08
N GLY B 65 -7.87 -32.46 30.54
CA GLY B 65 -8.60 -31.20 30.43
C GLY B 65 -7.91 -30.00 31.06
N GLU B 66 -7.17 -30.25 32.12
CA GLU B 66 -6.51 -29.16 32.82
C GLU B 66 -5.47 -28.56 31.91
N GLN B 67 -4.76 -29.41 31.16
CA GLN B 67 -3.77 -28.97 30.18
C GLN B 67 -4.41 -28.35 28.95
N ALA B 68 -5.51 -28.94 28.51
CA ALA B 68 -6.28 -28.37 27.41
C ALA B 68 -6.61 -26.93 27.80
N GLU B 69 -7.24 -26.74 28.95
CA GLU B 69 -7.59 -25.39 29.41
C GLU B 69 -6.38 -24.47 29.42
N ALA B 70 -5.29 -24.97 29.94
CA ALA B 70 -4.10 -24.13 29.99
C ALA B 70 -3.53 -23.76 28.60
N ALA B 71 -3.67 -24.67 27.62
CA ALA B 71 -3.21 -24.40 26.24
C ALA B 71 -4.12 -23.34 25.63
N ILE B 72 -5.43 -23.58 25.72
CA ILE B 72 -6.47 -22.65 25.24
C ILE B 72 -6.25 -21.23 25.82
N ASN B 73 -6.17 -21.12 27.14
CA ASN B 73 -5.96 -19.79 27.75
C ASN B 73 -4.66 -19.15 27.28
N ALA B 74 -3.57 -19.92 27.37
CA ALA B 74 -2.21 -19.51 26.95
C ALA B 74 -1.97 -19.15 25.47
N PHE B 75 -2.68 -19.80 24.55
CA PHE B 75 -2.39 -19.58 23.13
C PHE B 75 -3.52 -19.07 22.26
N HIS B 76 -4.75 -19.13 22.74
CA HIS B 76 -5.86 -18.64 21.95
C HIS B 76 -5.50 -17.18 21.75
N GLN B 77 -5.56 -16.71 20.50
CA GLN B 77 -5.35 -15.29 20.22
C GLN B 77 -3.88 -14.88 20.32
N SER B 78 -2.99 -15.87 20.39
CA SER B 78 -1.55 -15.66 20.25
C SER B 78 -1.16 -15.60 18.77
N ARG B 79 0.10 -15.31 18.51
CA ARG B 79 0.57 -15.16 17.13
C ARG B 79 1.68 -16.16 16.89
N LEU B 80 1.61 -16.86 15.75
CA LEU B 80 2.69 -17.80 15.38
C LEU B 80 3.14 -17.38 13.98
N ARG B 81 4.35 -16.85 13.88
CA ARG B 81 4.85 -16.38 12.58
C ARG B 81 3.92 -15.39 11.90
N GLU B 82 3.44 -14.46 12.71
CA GLU B 82 2.62 -13.36 12.29
C GLU B 82 1.19 -13.70 12.13
N ARG B 83 0.85 -14.98 12.33
CA ARG B 83 -0.55 -15.46 12.25
C ARG B 83 -1.21 -15.45 13.62
N GLU B 84 -2.52 -15.18 13.66
CA GLU B 84 -3.25 -15.20 14.91
C GLU B 84 -3.92 -16.52 15.03
N LEU B 85 -3.59 -17.24 16.09
CA LEU B 85 -4.21 -18.55 16.31
C LEU B 85 -5.51 -18.48 17.12
N SER B 86 -6.42 -19.38 16.83
CA SER B 86 -7.63 -19.55 17.59
C SER B 86 -7.39 -20.91 18.24
N VAL B 87 -7.41 -20.97 19.56
CA VAL B 87 -7.24 -22.26 20.24
C VAL B 87 -8.51 -22.52 21.03
N GLN B 88 -9.12 -23.70 20.86
CA GLN B 88 -10.38 -24.03 21.49
C GLN B 88 -10.66 -25.53 21.48
N LEU B 89 -11.54 -26.01 22.36
CA LEU B 89 -11.85 -27.45 22.43
C LEU B 89 -12.41 -28.06 21.18
N GLN B 90 -11.83 -29.18 20.75
CA GLN B 90 -12.31 -29.88 19.55
C GLN B 90 -13.83 -30.14 19.69
N PRO B 91 -14.51 -30.34 18.56
CA PRO B 91 -15.94 -30.65 18.65
C PRO B 91 -16.15 -32.14 18.98
N THR B 92 -17.38 -32.52 19.31
CA THR B 92 -17.75 -33.91 19.63
C THR B 92 -17.83 -34.86 18.43
N ASP B 93 -16.95 -35.85 18.41
CA ASP B 93 -16.89 -36.79 17.30
C ASP B 93 -17.71 -38.04 17.66
N ALA B 94 -17.00 -39.02 18.20
CA ALA B 94 -17.57 -40.29 18.64
C ALA B 94 -18.19 -40.28 20.03
N LEU B 95 -19.36 -39.63 20.19
CA LEU B 95 -20.09 -39.59 21.48
C LEU B 95 -21.42 -40.31 21.35
N LEU B 96 -21.49 -41.48 21.97
CA LEU B 96 -22.68 -42.33 21.94
C LEU B 96 -23.41 -42.21 23.28
N CYS B 97 -24.70 -42.49 23.21
CA CYS B 97 -25.53 -42.58 24.38
C CYS B 97 -26.11 -43.97 24.32
N VAL B 98 -25.80 -44.79 25.31
CA VAL B 98 -26.32 -46.14 25.41
C VAL B 98 -27.42 -46.08 26.47
N ALA B 99 -28.63 -46.40 26.06
CA ALA B 99 -29.78 -46.28 26.94
C ALA B 99 -30.51 -47.60 27.07
N ASN B 100 -31.51 -47.57 27.95
CA ASN B 100 -32.22 -48.75 28.34
C ASN B 100 -31.29 -49.76 29.04
N LEU B 101 -30.25 -49.27 29.71
CA LEU B 101 -29.37 -50.16 30.49
C LEU B 101 -30.14 -50.75 31.67
N PRO B 102 -29.65 -51.85 32.24
CA PRO B 102 -30.35 -52.24 33.46
C PRO B 102 -30.11 -51.16 34.52
N PRO B 103 -31.17 -50.77 35.24
CA PRO B 103 -31.08 -49.70 36.27
C PRO B 103 -30.05 -50.01 37.35
N SER B 104 -29.68 -51.28 37.47
CA SER B 104 -28.67 -51.73 38.44
C SER B 104 -27.21 -51.82 37.88
N LEU B 105 -27.08 -51.76 36.56
CA LEU B 105 -25.76 -51.81 35.96
C LEU B 105 -24.88 -50.73 36.62
N THR B 106 -23.70 -51.13 37.09
CA THR B 106 -22.78 -50.18 37.68
C THR B 106 -21.96 -49.44 36.66
N GLN B 107 -21.26 -48.42 37.13
CA GLN B 107 -20.41 -47.62 36.31
C GLN B 107 -19.29 -48.48 35.77
N GLN B 108 -18.79 -49.40 36.57
CA GLN B 108 -17.73 -50.29 36.11
C GLN B 108 -18.25 -51.30 35.08
N GLN B 109 -19.48 -51.76 35.27
CA GLN B 109 -20.02 -52.71 34.33
C GLN B 109 -20.26 -52.00 33.02
N PHE B 110 -20.64 -50.72 33.12
CA PHE B 110 -20.87 -49.91 31.94
C PHE B 110 -19.56 -49.74 31.13
N GLU B 111 -18.45 -49.44 31.82
CA GLU B 111 -17.20 -49.26 31.14
C GLU B 111 -16.83 -50.55 30.44
N GLU B 112 -17.02 -51.66 31.16
CA GLU B 112 -16.71 -52.97 30.61
C GLU B 112 -17.46 -53.29 29.32
N LEU B 113 -18.66 -52.79 29.26
CA LEU B 113 -19.60 -53.06 28.20
C LEU B 113 -19.17 -52.39 26.92
N VAL B 114 -18.68 -51.18 27.10
CA VAL B 114 -18.51 -50.18 26.07
C VAL B 114 -17.06 -49.95 25.66
N ARG B 115 -16.14 -50.45 26.48
CA ARG B 115 -14.70 -50.28 26.29
C ARG B 115 -13.99 -51.07 25.19
N PRO B 116 -14.47 -52.27 24.86
CA PRO B 116 -13.77 -53.03 23.81
C PRO B 116 -13.60 -52.38 22.40
N PHE B 117 -14.56 -51.56 22.01
CA PHE B 117 -14.64 -50.95 20.68
C PHE B 117 -13.57 -49.95 20.30
N GLY B 118 -12.71 -49.64 21.24
CA GLY B 118 -11.64 -48.68 21.08
C GLY B 118 -11.36 -47.97 22.39
N SER B 119 -10.35 -47.11 22.38
CA SER B 119 -9.99 -46.38 23.59
C SER B 119 -11.00 -45.29 23.93
N LEU B 120 -11.44 -45.29 25.17
CA LEU B 120 -12.45 -44.31 25.61
C LEU B 120 -11.83 -43.01 26.03
N GLU B 121 -12.53 -41.94 25.74
CA GLU B 121 -12.08 -40.63 26.09
C GLU B 121 -12.84 -40.23 27.36
N ARG B 122 -14.14 -40.51 27.36
CA ARG B 122 -15.01 -40.19 28.47
C ARG B 122 -16.04 -41.30 28.50
N CYS B 123 -16.43 -41.69 29.71
CA CYS B 123 -17.40 -42.75 29.89
C CYS B 123 -18.13 -42.56 31.21
N PHE B 124 -19.41 -42.28 31.17
CA PHE B 124 -20.10 -42.10 32.44
C PHE B 124 -21.59 -42.43 32.42
N LEU B 125 -22.04 -43.09 33.46
CA LEU B 125 -23.47 -43.34 33.60
C LEU B 125 -24.09 -41.98 34.01
N VAL B 126 -25.39 -41.85 33.85
CA VAL B 126 -26.07 -40.66 34.35
C VAL B 126 -27.01 -40.99 35.54
N TYR B 127 -26.64 -40.48 36.71
CA TYR B 127 -27.39 -40.72 37.92
C TYR B 127 -28.31 -39.56 38.29
N SER B 128 -29.33 -39.83 39.11
CA SER B 128 -30.24 -38.82 39.62
C SER B 128 -29.49 -37.95 40.65
N GLU B 129 -29.68 -36.63 40.58
CA GLU B 129 -28.96 -35.77 41.50
C GLU B 129 -29.26 -36.13 42.97
N ARG B 130 -30.53 -36.42 43.25
CA ARG B 130 -31.01 -36.77 44.60
C ARG B 130 -30.70 -38.20 45.05
N THR B 131 -31.42 -39.17 44.45
CA THR B 131 -31.25 -40.59 44.78
C THR B 131 -29.84 -41.12 44.59
N GLY B 132 -29.15 -40.66 43.55
CA GLY B 132 -27.81 -41.18 43.28
C GLY B 132 -27.84 -42.48 42.47
N GLN B 133 -29.03 -42.84 41.97
CA GLN B 133 -29.25 -44.04 41.22
C GLN B 133 -29.12 -43.82 39.70
N SER B 134 -28.55 -44.83 39.01
CA SER B 134 -28.39 -44.78 37.56
C SER B 134 -29.74 -44.51 36.93
N LYS B 135 -29.78 -43.64 35.91
CA LYS B 135 -31.02 -43.32 35.17
C LYS B 135 -31.18 -44.32 33.99
N GLY B 136 -30.30 -45.33 33.93
CA GLY B 136 -30.40 -46.37 32.94
C GLY B 136 -29.76 -46.02 31.62
N TYR B 137 -28.99 -44.93 31.62
CA TYR B 137 -28.25 -44.59 30.44
C TYR B 137 -26.90 -43.99 30.81
N GLY B 138 -25.98 -44.04 29.85
CA GLY B 138 -24.61 -43.57 29.99
C GLY B 138 -24.16 -43.03 28.64
N PHE B 139 -22.95 -42.49 28.66
CA PHE B 139 -22.32 -41.86 27.50
C PHE B 139 -20.94 -42.43 27.35
N ALA B 140 -20.57 -42.73 26.10
CA ALA B 140 -19.25 -43.26 25.77
C ALA B 140 -18.69 -42.44 24.61
N GLU B 141 -17.47 -41.93 24.77
CA GLU B 141 -16.79 -41.20 23.72
C GLU B 141 -15.49 -41.92 23.46
N TYR B 142 -15.13 -42.08 22.20
CA TYR B 142 -13.95 -42.84 21.84
C TYR B 142 -12.93 -41.92 21.26
N MET B 143 -11.67 -42.35 21.16
CA MET B 143 -10.66 -41.52 20.50
C MET B 143 -10.93 -41.44 19.00
N LYS B 144 -11.41 -42.54 18.42
CA LYS B 144 -11.77 -42.63 16.99
C LYS B 144 -13.29 -42.74 16.73
N LYS B 145 -13.74 -42.11 15.63
CA LYS B 145 -15.13 -42.16 15.20
C LYS B 145 -15.49 -43.58 14.71
N ASP B 146 -14.45 -44.27 14.28
CA ASP B 146 -14.57 -45.63 13.80
C ASP B 146 -15.08 -46.50 14.93
N SER B 147 -14.50 -46.28 16.10
CA SER B 147 -14.84 -46.96 17.34
C SER B 147 -16.29 -46.77 17.73
N ALA B 148 -16.82 -45.57 17.58
CA ALA B 148 -18.22 -45.30 17.90
C ALA B 148 -19.17 -46.02 16.94
N ALA B 149 -18.80 -46.09 15.66
CA ALA B 149 -19.57 -46.85 14.69
C ALA B 149 -19.58 -48.33 15.11
N ARG B 150 -18.43 -48.88 15.43
CA ARG B 150 -18.38 -50.28 15.81
C ARG B 150 -19.28 -50.56 16.98
N ALA B 151 -19.18 -49.66 17.99
CA ALA B 151 -19.97 -49.77 19.20
C ALA B 151 -21.46 -49.70 18.95
N LYS B 152 -21.93 -48.61 18.34
CA LYS B 152 -23.37 -48.45 18.03
C LYS B 152 -23.93 -49.71 17.41
N SER B 153 -23.12 -50.25 16.53
CA SER B 153 -23.49 -51.39 15.76
C SER B 153 -23.56 -52.66 16.55
N ASP B 154 -22.65 -52.82 17.48
CA ASP B 154 -22.62 -54.04 18.27
C ASP B 154 -23.58 -53.96 19.48
N LEU B 155 -23.88 -52.73 19.91
CA LEU B 155 -24.72 -52.44 21.08
C LEU B 155 -26.22 -52.16 20.82
N LEU B 156 -26.59 -51.79 19.60
CA LEU B 156 -27.98 -51.55 19.34
C LEU B 156 -28.71 -52.89 19.23
N GLY B 157 -29.57 -53.20 20.20
CA GLY B 157 -30.30 -54.45 20.17
C GLY B 157 -29.58 -55.50 20.97
N LYS B 158 -28.49 -55.12 21.64
CA LYS B 158 -27.79 -56.07 22.50
C LYS B 158 -28.58 -56.39 23.75
N PRO B 159 -28.67 -57.68 24.10
CA PRO B 159 -29.31 -57.97 25.38
C PRO B 159 -28.31 -57.82 26.50
N LEU B 160 -28.69 -57.07 27.52
CA LEU B 160 -27.91 -56.94 28.75
C LEU B 160 -28.98 -57.19 29.82
N GLY B 161 -28.89 -58.34 30.47
CA GLY B 161 -29.86 -58.76 31.48
C GLY B 161 -31.26 -58.80 30.92
N PRO B 162 -32.22 -58.23 31.68
CA PRO B 162 -33.59 -58.29 31.14
C PRO B 162 -33.87 -57.24 30.09
N ARG B 163 -32.83 -56.49 29.68
CA ARG B 163 -32.97 -55.37 28.73
C ARG B 163 -32.40 -55.56 27.31
N THR B 164 -32.86 -54.73 26.37
CA THR B 164 -32.34 -54.72 25.00
C THR B 164 -31.89 -53.29 24.85
N LEU B 165 -30.58 -53.09 24.70
CA LEU B 165 -30.02 -51.74 24.64
C LEU B 165 -30.36 -50.92 23.41
N TYR B 166 -30.29 -49.60 23.58
CA TYR B 166 -30.56 -48.69 22.48
C TYR B 166 -29.37 -47.78 22.41
N VAL B 167 -28.97 -47.46 21.20
CA VAL B 167 -27.83 -46.60 21.04
C VAL B 167 -28.18 -45.41 20.23
N HIS B 168 -27.63 -44.28 20.61
CA HIS B 168 -27.94 -43.15 19.81
C HIS B 168 -26.82 -42.14 19.77
N TRP B 169 -26.53 -41.65 18.57
CA TRP B 169 -25.43 -40.72 18.35
C TRP B 169 -25.68 -39.34 18.87
N THR B 170 -24.70 -38.77 19.55
CA THR B 170 -24.70 -37.32 19.75
C THR B 170 -23.80 -36.65 18.71
N ASP B 171 -24.39 -35.78 17.91
CA ASP B 171 -24.02 -35.64 16.50
C ASP B 171 -22.57 -35.19 16.37
N ALA B 172 -22.17 -34.26 17.23
CA ALA B 172 -22.89 -34.02 18.48
C ALA B 172 -23.55 -32.65 18.47
N GLY B 173 -24.83 -32.62 18.85
CA GLY B 173 -25.32 -31.53 19.67
C GLY B 173 -24.61 -31.50 21.00
N GLN B 174 -24.27 -30.30 21.42
CA GLN B 174 -23.50 -30.06 22.64
C GLN B 174 -24.35 -30.08 23.91
N LEU B 175 -23.91 -30.85 24.88
CA LEU B 175 -24.63 -30.99 26.13
C LEU B 175 -23.99 -30.27 27.30
N THR B 176 -24.82 -29.99 28.30
CA THR B 176 -24.41 -29.36 29.55
C THR B 176 -24.89 -30.32 30.65
N PRO B 177 -24.48 -30.09 31.92
CA PRO B 177 -25.00 -31.05 32.92
C PRO B 177 -26.53 -31.12 32.90
N ALA B 178 -27.15 -30.07 32.38
CA ALA B 178 -28.60 -29.97 32.26
C ALA B 178 -29.22 -30.91 31.21
N LEU B 179 -28.59 -30.96 30.04
CA LEU B 179 -29.08 -31.80 28.95
C LEU B 179 -28.82 -33.28 29.17
N LEU B 180 -27.88 -33.58 30.07
CA LEU B 180 -27.54 -34.94 30.41
C LEU B 180 -28.78 -35.67 30.95
N HIS B 181 -29.75 -34.88 31.41
CA HIS B 181 -30.95 -35.44 32.05
C HIS B 181 -32.10 -35.48 31.10
N SER B 182 -32.64 -36.66 30.93
CA SER B 182 -33.67 -36.87 29.93
C SER B 182 -35.00 -36.34 30.37
N ARG B 183 -35.79 -35.94 29.37
CA ARG B 183 -37.14 -35.42 29.50
C ARG B 183 -38.13 -36.40 28.92
N CYS B 184 -37.64 -37.45 28.28
CA CYS B 184 -38.48 -38.49 27.68
C CYS B 184 -38.42 -39.81 28.41
N LEU B 185 -39.51 -40.57 28.33
CA LEU B 185 -39.63 -41.88 28.98
C LEU B 185 -40.28 -42.87 28.04
N CYS B 186 -40.01 -44.15 28.29
CA CYS B 186 -40.51 -45.23 27.48
C CYS B 186 -41.28 -46.18 28.36
N VAL B 187 -42.45 -46.56 27.90
CA VAL B 187 -43.34 -47.43 28.68
C VAL B 187 -43.48 -48.68 27.87
N ASP B 188 -43.23 -49.82 28.47
CA ASP B 188 -43.37 -51.03 27.69
C ASP B 188 -43.90 -52.06 28.67
N ARG B 189 -44.05 -53.30 28.19
CA ARG B 189 -44.56 -54.37 29.03
C ARG B 189 -46.07 -54.16 29.06
N LEU B 190 -46.55 -53.41 28.07
CA LEU B 190 -47.97 -53.12 27.90
C LEU B 190 -48.76 -54.40 27.57
N PRO B 191 -50.07 -54.40 27.89
CA PRO B 191 -50.84 -55.61 27.57
C PRO B 191 -50.89 -55.86 26.07
N PRO B 192 -51.06 -57.18 25.71
CA PRO B 192 -51.13 -57.51 24.28
C PRO B 192 -52.20 -56.69 23.60
N GLY B 193 -51.84 -56.14 22.45
CA GLY B 193 -52.72 -55.34 21.64
C GLY B 193 -53.18 -54.07 22.32
N PHE B 194 -52.60 -53.72 23.46
CA PHE B 194 -53.27 -52.79 24.35
C PHE B 194 -53.43 -51.44 23.63
N ASN B 195 -54.63 -50.87 23.73
CA ASN B 195 -54.88 -49.55 23.18
C ASN B 195 -55.56 -48.61 24.19
N ASP B 196 -54.79 -48.16 25.17
CA ASP B 196 -55.21 -47.04 26.01
C ASP B 196 -54.11 -45.99 26.12
N VAL B 197 -53.92 -45.24 25.05
CA VAL B 197 -53.15 -44.00 25.11
C VAL B 197 -53.83 -42.98 26.02
N ASP B 198 -55.15 -42.91 25.93
CA ASP B 198 -55.92 -42.05 26.82
C ASP B 198 -55.78 -42.48 28.27
N ALA B 199 -55.79 -43.79 28.50
CA ALA B 199 -55.73 -44.34 29.84
C ALA B 199 -54.26 -44.32 30.27
N LEU B 200 -53.44 -44.83 29.38
CA LEU B 200 -52.01 -44.88 29.53
C LEU B 200 -51.46 -43.48 29.81
N CYS B 201 -51.89 -42.52 29.01
CA CYS B 201 -51.40 -41.16 29.18
C CYS B 201 -51.99 -40.50 30.43
N ARG B 202 -53.17 -40.97 30.81
CA ARG B 202 -53.85 -40.48 32.02
C ARG B 202 -52.97 -40.94 33.16
N ALA B 203 -52.73 -42.25 33.20
CA ALA B 203 -51.89 -42.86 34.24
C ALA B 203 -50.59 -42.08 34.46
N LEU B 204 -49.95 -41.72 33.35
CA LEU B 204 -48.66 -41.04 33.38
C LEU B 204 -48.66 -39.57 33.76
N SER B 205 -49.82 -39.06 34.13
CA SER B 205 -49.95 -37.67 34.50
C SER B 205 -50.09 -37.49 36.02
N ALA B 206 -50.15 -38.62 36.72
CA ALA B 206 -50.31 -38.63 38.16
C ALA B 206 -49.37 -37.73 38.96
N VAL B 207 -48.47 -37.03 38.28
CA VAL B 207 -47.51 -36.18 38.98
C VAL B 207 -47.29 -34.92 38.18
N HIS B 208 -47.03 -35.10 36.90
CA HIS B 208 -46.81 -33.97 36.04
C HIS B 208 -47.44 -34.42 34.75
N SER B 209 -47.70 -33.49 33.85
CA SER B 209 -48.34 -33.83 32.59
C SER B 209 -47.42 -33.90 31.36
N PRO B 210 -47.59 -34.95 30.57
CA PRO B 210 -46.79 -35.19 29.37
C PRO B 210 -47.06 -34.17 28.27
N THR B 211 -46.01 -33.47 27.87
CA THR B 211 -46.12 -32.55 26.76
C THR B 211 -46.26 -33.42 25.52
N PHE B 212 -45.87 -34.70 25.65
CA PHE B 212 -45.97 -35.69 24.56
C PHE B 212 -46.36 -37.07 25.12
N CYS B 213 -47.04 -37.86 24.31
CA CYS B 213 -47.50 -39.15 24.76
C CYS B 213 -48.15 -39.91 23.63
N GLN B 214 -47.55 -41.02 23.21
CA GLN B 214 -48.11 -41.76 22.08
C GLN B 214 -47.78 -43.24 22.11
N LEU B 215 -48.55 -44.05 21.38
CA LEU B 215 -48.29 -45.48 21.28
C LEU B 215 -47.35 -45.72 20.12
N ALA B 216 -46.73 -46.90 20.11
CA ALA B 216 -45.83 -47.32 19.06
C ALA B 216 -46.64 -48.06 18.01
N CYS B 217 -46.97 -47.34 16.95
CA CYS B 217 -47.72 -47.91 15.86
C CYS B 217 -46.73 -48.13 14.73
N GLY B 218 -46.68 -49.36 14.22
CA GLY B 218 -45.79 -49.69 13.13
C GLY B 218 -46.29 -49.26 11.75
N GLN B 219 -45.45 -49.48 10.75
CA GLN B 219 -45.81 -49.13 9.38
C GLN B 219 -46.29 -50.41 8.71
N ASP B 220 -47.07 -51.16 9.47
CA ASP B 220 -47.64 -52.42 9.03
C ASP B 220 -49.19 -52.48 9.03
N GLY B 221 -49.93 -51.56 9.65
CA GLY B 221 -49.52 -50.48 10.53
C GLY B 221 -49.82 -51.00 11.93
N GLN B 222 -49.00 -51.99 12.32
CA GLN B 222 -49.09 -52.70 13.59
C GLN B 222 -48.92 -51.86 14.85
N LEU B 223 -48.91 -52.54 15.98
CA LEU B 223 -48.72 -51.90 17.28
C LEU B 223 -47.53 -52.60 17.94
N LYS B 224 -46.55 -51.79 18.33
CA LYS B 224 -45.34 -52.30 18.97
C LYS B 224 -45.54 -52.08 20.45
N GLY B 225 -45.50 -53.15 21.22
CA GLY B 225 -45.75 -53.10 22.65
C GLY B 225 -45.09 -52.02 23.49
N PHE B 226 -45.19 -50.77 23.06
CA PHE B 226 -44.61 -49.68 23.84
C PHE B 226 -45.14 -48.29 23.52
N ALA B 227 -44.69 -47.31 24.29
CA ALA B 227 -45.11 -45.93 24.13
C ALA B 227 -43.99 -45.02 24.57
N VAL B 228 -44.00 -43.79 24.04
CA VAL B 228 -43.00 -42.77 24.40
C VAL B 228 -43.63 -41.47 24.96
N LEU B 229 -43.06 -40.92 26.05
CA LEU B 229 -43.56 -39.70 26.68
C LEU B 229 -42.51 -38.61 26.83
N GLU B 230 -42.96 -37.36 26.85
CA GLU B 230 -42.07 -36.23 27.08
C GLU B 230 -42.63 -35.35 28.22
N TYR B 231 -41.75 -34.60 28.88
CA TYR B 231 -42.16 -33.74 29.96
C TYR B 231 -41.35 -32.45 29.84
N GLU B 232 -41.91 -31.35 30.34
CA GLU B 232 -41.29 -30.04 30.22
C GLU B 232 -39.87 -29.95 30.78
N THR B 233 -39.62 -30.63 31.88
CA THR B 233 -38.30 -30.60 32.46
C THR B 233 -37.81 -32.00 32.72
N ALA B 234 -36.51 -32.10 32.90
CA ALA B 234 -35.88 -33.39 33.19
C ALA B 234 -36.34 -33.83 34.58
N GLU B 235 -36.70 -32.85 35.41
CA GLU B 235 -37.17 -33.11 36.78
C GLU B 235 -38.59 -33.68 36.79
N MET B 236 -39.42 -33.19 35.88
CA MET B 236 -40.78 -33.67 35.76
C MET B 236 -40.81 -35.11 35.23
N ALA B 237 -39.87 -35.43 34.35
CA ALA B 237 -39.75 -36.79 33.80
C ALA B 237 -39.26 -37.67 34.95
N GLU B 238 -38.23 -37.20 35.65
CA GLU B 238 -37.68 -37.96 36.75
C GLU B 238 -38.76 -38.46 37.72
N GLU B 239 -39.53 -37.53 38.28
CA GLU B 239 -40.61 -37.84 39.21
C GLU B 239 -41.67 -38.75 38.60
N ALA B 240 -42.04 -38.46 37.37
CA ALA B 240 -43.01 -39.28 36.66
C ALA B 240 -42.58 -40.78 36.60
N GLN B 241 -41.33 -41.02 36.20
CA GLN B 241 -40.81 -42.36 36.07
C GLN B 241 -40.81 -43.08 37.43
N GLN B 242 -40.36 -42.35 38.44
CA GLN B 242 -40.28 -42.85 39.81
C GLN B 242 -41.61 -43.42 40.32
N GLN B 243 -42.70 -42.71 40.01
CA GLN B 243 -44.04 -43.08 40.42
C GLN B 243 -44.66 -44.08 39.46
N ALA B 244 -44.47 -43.88 38.16
CA ALA B 244 -45.10 -44.74 37.19
C ALA B 244 -44.62 -46.18 37.06
N ASP B 245 -43.31 -46.39 37.14
CA ASP B 245 -42.70 -47.72 36.95
C ASP B 245 -43.29 -48.79 37.87
N GLY B 246 -43.75 -49.91 37.30
CA GLY B 246 -44.32 -51.02 38.06
C GLY B 246 -45.84 -51.07 38.10
N LEU B 247 -46.44 -49.89 37.94
CA LEU B 247 -47.88 -49.70 37.95
C LEU B 247 -48.69 -50.71 37.17
N SER B 248 -49.82 -51.12 37.77
CA SER B 248 -50.71 -52.03 37.06
C SER B 248 -51.60 -51.20 36.15
N LEU B 249 -51.95 -51.79 35.02
CA LEU B 249 -52.72 -51.14 33.97
C LEU B 249 -52.95 -52.26 32.94
N GLY B 250 -54.19 -52.54 32.62
CA GLY B 250 -54.48 -53.64 31.72
C GLY B 250 -54.27 -54.85 32.58
N GLY B 251 -54.02 -55.99 31.99
CA GLY B 251 -53.74 -57.08 32.93
C GLY B 251 -52.30 -57.06 33.48
N SER B 252 -51.55 -55.99 33.19
CA SER B 252 -50.12 -55.95 33.45
C SER B 252 -49.40 -54.83 34.20
N HIS B 253 -48.19 -55.18 34.66
CA HIS B 253 -47.33 -54.24 35.35
C HIS B 253 -46.43 -53.60 34.34
N LEU B 254 -46.51 -52.29 34.26
CA LEU B 254 -45.74 -51.56 33.28
C LEU B 254 -44.32 -51.36 33.74
N ARG B 255 -43.42 -51.35 32.75
CA ARG B 255 -42.03 -50.99 32.95
C ARG B 255 -41.89 -49.60 32.41
N VAL B 256 -41.24 -48.73 33.18
CA VAL B 256 -41.12 -47.36 32.74
C VAL B 256 -39.66 -46.91 32.88
N SER B 257 -38.99 -46.69 31.75
CA SER B 257 -37.58 -46.30 31.78
C SER B 257 -37.36 -45.00 31.04
N PHE B 258 -36.21 -44.37 31.21
CA PHE B 258 -35.87 -43.14 30.48
C PHE B 258 -35.41 -43.45 29.03
N CYS B 259 -35.62 -42.49 28.14
CA CYS B 259 -35.14 -42.57 26.79
C CYS B 259 -33.83 -41.81 26.79
N ALA B 260 -33.00 -41.97 25.76
CA ALA B 260 -31.76 -41.20 25.78
C ALA B 260 -32.08 -39.71 25.66
N PRO B 261 -31.40 -38.87 26.46
CA PRO B 261 -31.71 -37.44 26.36
C PRO B 261 -31.41 -36.91 24.97
N GLY B 262 -32.07 -35.83 24.57
CA GLY B 262 -31.82 -35.22 23.28
C GLY B 262 -33.07 -35.02 22.48
N PRO B 263 -33.37 -35.98 21.58
CA PRO B 263 -34.53 -36.06 20.69
C PRO B 263 -35.81 -35.79 21.45
N PRO B 264 -36.83 -35.27 20.75
CA PRO B 264 -38.08 -35.08 21.49
C PRO B 264 -38.94 -36.27 21.20
N GLY B 265 -40.07 -36.39 21.90
CA GLY B 265 -40.98 -37.50 21.79
C GLY B 265 -41.18 -38.05 20.39
N ARG B 266 -41.50 -37.12 19.48
CA ARG B 266 -41.74 -37.40 18.06
C ARG B 266 -40.64 -38.28 17.46
N SER B 267 -39.41 -37.78 17.58
CA SER B 267 -38.20 -38.43 17.07
C SER B 267 -37.85 -39.77 17.75
N MET B 268 -37.73 -39.76 19.09
CA MET B 268 -37.48 -40.98 19.85
C MET B 268 -38.42 -42.11 19.44
N LEU B 269 -39.71 -41.81 19.39
CA LEU B 269 -40.69 -42.80 19.00
C LEU B 269 -40.32 -43.47 17.65
N ALA B 270 -40.04 -42.66 16.64
CA ALA B 270 -39.71 -43.20 15.32
C ALA B 270 -38.45 -44.00 15.47
N ALA B 271 -37.44 -43.31 15.99
CA ALA B 271 -36.12 -43.88 16.29
C ALA B 271 -36.24 -45.29 16.90
N LEU B 272 -36.99 -45.38 18.02
CA LEU B 272 -37.20 -46.67 18.65
C LEU B 272 -37.97 -47.64 17.76
N ILE B 273 -39.01 -47.15 17.10
CA ILE B 273 -39.77 -47.98 16.18
C ILE B 273 -38.86 -48.60 15.11
N ALA B 274 -38.05 -47.75 14.47
CA ALA B 274 -37.12 -48.17 13.42
C ALA B 274 -36.00 -49.12 13.88
N ALA B 275 -35.49 -48.84 15.09
CA ALA B 275 -34.42 -49.62 15.69
C ALA B 275 -34.91 -51.04 15.92
N GLN B 276 -35.95 -51.16 16.73
CA GLN B 276 -36.55 -52.46 17.03
C GLN B 276 -37.03 -53.12 15.73
N ALA B 277 -37.25 -52.27 14.72
CA ALA B 277 -37.70 -52.70 13.39
C ALA B 277 -36.70 -53.66 12.76
N THR B 278 -35.45 -53.17 12.63
CA THR B 278 -34.32 -53.93 12.10
C THR B 278 -34.09 -55.28 12.85
N ALA B 279 -35.17 -55.86 13.39
CA ALA B 279 -35.12 -57.10 14.17
C ALA B 279 -34.43 -58.29 13.51
N GLU C 5 -0.32 25.00 -25.53
CA GLU C 5 1.12 25.24 -25.36
C GLU C 5 1.98 24.16 -26.05
N GLU C 6 3.23 24.00 -25.59
CA GLU C 6 4.17 23.00 -26.12
C GLU C 6 5.04 22.32 -25.04
N PHE C 7 5.43 21.07 -25.29
CA PHE C 7 6.22 20.27 -24.35
C PHE C 7 7.69 20.13 -24.67
N PRO C 8 8.55 20.84 -23.91
CA PRO C 8 10.01 20.97 -23.95
C PRO C 8 10.79 19.69 -23.62
N GLU C 9 11.59 19.22 -24.57
CA GLU C 9 12.41 18.02 -24.34
C GLU C 9 13.55 18.32 -23.35
N GLN C 10 13.86 17.35 -22.50
CA GLN C 10 14.88 17.51 -21.47
C GLN C 10 14.40 18.42 -20.35
N GLU C 14 17.19 17.52 -14.17
CA GLU C 14 16.19 16.66 -14.81
C GLU C 14 16.09 15.29 -14.15
N VAL C 15 15.56 15.28 -12.95
CA VAL C 15 15.36 14.05 -12.24
C VAL C 15 13.89 13.68 -12.45
N ILE C 16 13.65 12.78 -13.39
CA ILE C 16 12.30 12.37 -13.72
C ILE C 16 12.24 10.92 -14.14
N ASN C 17 11.02 10.44 -14.34
CA ASN C 17 10.79 9.11 -14.87
C ASN C 17 10.53 9.42 -16.33
N GLN C 18 11.41 8.94 -17.20
CA GLN C 18 11.31 9.22 -18.63
C GLN C 18 10.14 8.56 -19.31
N PRO C 19 9.88 7.29 -18.99
CA PRO C 19 8.79 6.64 -19.72
C PRO C 19 7.47 7.31 -19.45
N MET C 20 7.37 7.84 -18.23
CA MET C 20 6.15 8.48 -17.74
C MET C 20 5.98 9.84 -18.39
N MET C 21 7.07 10.59 -18.43
CA MET C 21 7.10 11.90 -19.04
C MET C 21 6.89 11.71 -20.54
N MET C 22 7.24 10.52 -21.02
CA MET C 22 7.11 10.20 -22.43
C MET C 22 5.65 9.96 -22.75
N ALA C 23 5.00 9.23 -21.85
CA ALA C 23 3.59 8.89 -22.03
C ALA C 23 2.79 10.17 -21.91
N ALA C 24 3.27 11.07 -21.04
CA ALA C 24 2.65 12.37 -20.83
C ALA C 24 2.80 13.16 -22.11
N ARG C 25 4.01 13.16 -22.65
CA ARG C 25 4.27 13.89 -23.90
C ARG C 25 3.31 13.43 -25.01
N GLN C 26 3.10 12.13 -25.11
CA GLN C 26 2.17 11.58 -26.09
C GLN C 26 0.79 12.20 -25.94
N LEU C 27 0.25 12.15 -24.73
CA LEU C 27 -1.06 12.74 -24.50
C LEU C 27 -1.07 14.23 -24.87
N HIS C 28 -0.10 14.97 -24.32
CA HIS C 28 0.01 16.41 -24.58
C HIS C 28 0.05 16.77 -26.05
N ASP C 29 0.85 16.04 -26.81
CA ASP C 29 0.99 16.29 -28.24
C ASP C 29 -0.31 16.08 -29.01
N GLU C 30 -1.07 15.06 -28.64
CA GLU C 30 -2.34 14.84 -29.31
C GLU C 30 -3.34 15.96 -29.02
N ALA C 31 -3.56 16.20 -27.74
CA ALA C 31 -4.54 17.17 -27.31
C ALA C 31 -4.19 18.60 -27.70
N ARG C 32 -2.89 18.84 -27.85
CA ARG C 32 -2.36 20.18 -28.04
C ARG C 32 -2.56 20.82 -29.38
N LYS C 33 -3.06 20.04 -30.31
CA LYS C 33 -3.37 20.60 -31.61
C LYS C 33 -4.75 21.19 -31.54
N TRP C 34 -5.49 20.89 -30.47
CA TRP C 34 -6.86 21.40 -30.29
C TRP C 34 -7.03 22.58 -29.35
N SER C 35 -8.15 23.28 -29.52
CA SER C 35 -8.57 24.37 -28.64
C SER C 35 -9.53 23.69 -27.65
N SER C 36 -9.34 23.99 -26.37
CA SER C 36 -10.19 23.43 -25.33
C SER C 36 -11.59 24.10 -25.39
N LYS C 37 -11.66 25.23 -26.10
CA LYS C 37 -12.92 25.96 -26.25
C LYS C 37 -14.03 25.02 -26.72
N GLY C 38 -15.13 24.98 -25.96
CA GLY C 38 -16.28 24.17 -26.28
C GLY C 38 -15.94 22.68 -26.26
N ASN C 39 -14.70 22.39 -25.87
CA ASN C 39 -14.23 21.02 -25.83
C ASN C 39 -13.58 20.67 -24.49
N ASP C 40 -14.41 20.12 -23.59
CA ASP C 40 -14.05 19.71 -22.24
C ASP C 40 -13.10 18.49 -22.19
N ILE C 41 -13.29 17.56 -23.13
CA ILE C 41 -12.46 16.37 -23.19
C ILE C 41 -10.99 16.70 -23.53
N ILE C 42 -10.79 17.79 -24.28
CA ILE C 42 -9.45 18.28 -24.65
C ILE C 42 -8.83 19.06 -23.47
N ALA C 43 -9.65 19.84 -22.75
CA ALA C 43 -9.17 20.58 -21.58
C ALA C 43 -8.75 19.54 -20.54
N ALA C 44 -9.67 18.62 -20.22
CA ALA C 44 -9.40 17.54 -19.24
C ALA C 44 -8.10 16.83 -19.55
N ALA C 45 -7.96 16.38 -20.79
CA ALA C 45 -6.77 15.65 -21.24
C ALA C 45 -5.45 16.39 -21.10
N LYS C 46 -5.49 17.71 -21.34
CA LYS C 46 -4.31 18.58 -21.22
C LYS C 46 -3.92 18.63 -19.75
N ARG C 47 -4.92 18.71 -18.90
CA ARG C 47 -4.67 18.71 -17.47
C ARG C 47 -3.96 17.39 -17.13
N MET C 48 -4.43 16.29 -17.71
CA MET C 48 -3.91 14.94 -17.41
C MET C 48 -2.47 14.74 -17.79
N ALA C 49 -2.09 15.30 -18.94
CA ALA C 49 -0.72 15.26 -19.40
C ALA C 49 0.10 16.02 -18.41
N LEU C 50 -0.40 17.21 -18.07
CA LEU C 50 0.27 18.15 -17.17
C LEU C 50 0.43 17.59 -15.76
N LEU C 51 -0.53 16.78 -15.35
CA LEU C 51 -0.52 16.09 -14.06
C LEU C 51 0.42 14.87 -14.10
N MET C 52 0.47 14.21 -15.26
CA MET C 52 1.31 13.04 -15.42
C MET C 52 2.77 13.42 -15.52
N ALA C 53 3.02 14.66 -15.94
CA ALA C 53 4.37 15.23 -16.03
C ALA C 53 4.80 15.48 -14.59
N GLU C 54 3.82 15.90 -13.80
CA GLU C 54 4.05 16.12 -12.37
C GLU C 54 4.39 14.75 -11.77
N MET C 55 3.56 13.76 -12.03
CA MET C 55 3.82 12.42 -11.50
C MET C 55 5.20 11.91 -11.83
N SER C 56 5.64 12.23 -13.04
CA SER C 56 6.94 11.80 -13.53
C SER C 56 8.04 12.37 -12.65
N ARG C 57 7.71 13.39 -11.86
CA ARG C 57 8.68 14.04 -10.97
C ARG C 57 8.55 13.54 -9.54
N LEU C 58 7.30 13.40 -9.12
CA LEU C 58 6.94 13.01 -7.76
C LEU C 58 7.45 11.64 -7.48
N VAL C 59 7.27 10.79 -8.49
CA VAL C 59 7.72 9.43 -8.47
C VAL C 59 9.24 9.29 -8.24
N ARG C 60 10.00 10.35 -8.49
CA ARG C 60 11.44 10.27 -8.31
C ARG C 60 11.88 10.47 -6.88
N GLY C 61 10.89 10.43 -5.98
CA GLY C 61 11.09 10.58 -4.55
C GLY C 61 11.24 12.05 -4.28
N GLY C 62 11.43 12.41 -3.02
CA GLY C 62 11.65 13.82 -2.72
C GLY C 62 11.05 14.26 -1.43
N SER C 63 11.08 15.58 -1.22
CA SER C 63 10.48 16.18 -0.03
C SER C 63 9.03 16.58 -0.32
N GLY C 64 8.12 16.04 0.48
CA GLY C 64 6.70 16.26 0.40
C GLY C 64 6.05 15.47 -0.72
N THR C 65 6.82 14.60 -1.36
CA THR C 65 6.36 13.82 -2.50
C THR C 65 5.24 12.81 -2.29
N LYS C 66 5.25 12.20 -1.10
CA LYS C 66 4.30 11.16 -0.70
C LYS C 66 2.87 11.65 -0.80
N ARG C 67 2.58 12.67 -0.01
CA ARG C 67 1.26 13.27 0.06
C ARG C 67 0.82 13.82 -1.28
N ALA C 68 1.76 14.42 -2.01
CA ALA C 68 1.47 15.01 -3.34
C ALA C 68 1.23 13.94 -4.39
N LEU C 69 2.04 12.88 -4.38
CA LEU C 69 1.88 11.78 -5.32
C LEU C 69 0.51 11.11 -5.21
N ILE C 70 0.03 10.96 -3.98
CA ILE C 70 -1.29 10.37 -3.71
C ILE C 70 -2.39 11.26 -4.27
N GLN C 71 -2.27 12.55 -4.03
CA GLN C 71 -3.24 13.53 -4.50
C GLN C 71 -3.17 13.63 -6.03
N CYS C 72 -1.96 13.75 -6.55
CA CYS C 72 -1.75 13.75 -7.98
C CYS C 72 -2.56 12.65 -8.65
N ALA C 73 -2.45 11.42 -8.17
CA ALA C 73 -3.23 10.34 -8.75
C ALA C 73 -4.73 10.42 -8.52
N LYS C 74 -5.14 11.10 -7.46
CA LYS C 74 -6.57 11.32 -7.18
C LYS C 74 -7.11 12.36 -8.18
N ASP C 75 -6.31 13.38 -8.43
CA ASP C 75 -6.67 14.41 -9.39
C ASP C 75 -6.80 13.69 -10.73
N ILE C 76 -5.69 13.12 -11.22
CA ILE C 76 -5.65 12.42 -12.52
C ILE C 76 -6.84 11.51 -12.67
N ALA C 77 -7.20 10.86 -11.58
CA ALA C 77 -8.35 9.96 -11.55
C ALA C 77 -9.64 10.73 -11.74
N LYS C 78 -9.74 11.90 -11.14
CA LYS C 78 -10.92 12.75 -11.29
C LYS C 78 -11.11 13.21 -12.75
N ALA C 79 -10.01 13.54 -13.40
CA ALA C 79 -10.02 14.04 -14.77
C ALA C 79 -10.39 12.97 -15.76
N SER C 80 -9.82 11.78 -15.60
CA SER C 80 -10.12 10.69 -16.51
C SER C 80 -11.63 10.40 -16.39
N ASP C 81 -12.21 10.62 -15.21
CA ASP C 81 -13.64 10.42 -15.00
C ASP C 81 -14.46 11.34 -15.90
N GLU C 82 -14.12 12.62 -15.91
CA GLU C 82 -14.80 13.59 -16.78
C GLU C 82 -14.69 13.08 -18.21
N VAL C 83 -13.49 12.61 -18.58
CA VAL C 83 -13.21 12.14 -19.92
C VAL C 83 -14.08 10.91 -20.25
N THR C 84 -14.28 10.03 -19.29
CA THR C 84 -15.11 8.86 -19.52
C THR C 84 -16.55 9.32 -19.71
N ARG C 85 -17.04 10.05 -18.71
CA ARG C 85 -18.38 10.60 -18.72
C ARG C 85 -18.76 11.37 -20.02
N LEU C 86 -17.88 12.30 -20.45
CA LEU C 86 -18.03 13.11 -21.67
C LEU C 86 -17.87 12.25 -22.92
N ALA C 87 -17.05 11.22 -22.83
CA ALA C 87 -16.81 10.31 -23.95
C ALA C 87 -18.04 9.45 -24.23
N LYS C 88 -18.75 9.06 -23.17
CA LYS C 88 -20.00 8.27 -23.27
C LYS C 88 -21.19 9.07 -23.84
N GLU C 89 -21.17 10.39 -23.64
CA GLU C 89 -22.19 11.25 -24.24
C GLU C 89 -21.99 11.31 -25.75
N VAL C 90 -20.75 11.59 -26.17
CA VAL C 90 -20.37 11.69 -27.59
C VAL C 90 -20.74 10.43 -28.36
N ALA C 91 -20.47 9.28 -27.73
CA ALA C 91 -20.78 7.96 -28.28
C ALA C 91 -22.31 7.86 -28.42
N LYS C 92 -23.01 8.23 -27.35
CA LYS C 92 -24.48 8.17 -27.24
C LYS C 92 -25.26 9.04 -28.25
N GLN C 93 -24.52 9.93 -28.93
CA GLN C 93 -25.04 10.85 -29.96
C GLN C 93 -24.44 10.55 -31.34
N CYS C 94 -23.65 9.47 -31.44
CA CYS C 94 -22.98 9.13 -32.69
C CYS C 94 -23.78 8.07 -33.45
N THR C 95 -23.99 8.32 -34.75
CA THR C 95 -24.56 7.34 -35.71
C THR C 95 -23.75 6.10 -36.16
N ASP C 96 -22.47 6.27 -36.48
CA ASP C 96 -21.63 5.19 -37.02
C ASP C 96 -21.41 4.13 -35.93
N LYS C 97 -21.70 2.88 -36.25
CA LYS C 97 -21.53 1.78 -35.31
C LYS C 97 -20.08 1.33 -35.25
N ARG C 98 -19.32 1.62 -36.31
CA ARG C 98 -17.92 1.24 -36.38
C ARG C 98 -17.05 2.19 -35.56
N ILE C 99 -17.53 3.41 -35.38
CA ILE C 99 -16.79 4.42 -34.61
C ILE C 99 -17.28 4.46 -33.16
N ARG C 100 -18.58 4.47 -32.97
CA ARG C 100 -19.13 4.61 -31.64
C ARG C 100 -18.58 3.44 -30.84
N THR C 101 -18.48 2.29 -31.49
CA THR C 101 -18.06 1.05 -30.82
C THR C 101 -16.61 1.23 -30.39
N ASN C 102 -15.78 1.71 -31.31
CA ASN C 102 -14.39 2.01 -31.02
C ASN C 102 -14.34 2.94 -29.83
N LEU C 103 -15.05 4.06 -29.97
CA LEU C 103 -15.09 5.05 -28.89
C LEU C 103 -15.54 4.48 -27.54
N LEU C 104 -16.59 3.64 -27.51
CA LEU C 104 -17.03 3.06 -26.22
C LEU C 104 -15.98 2.11 -25.63
N GLN C 105 -15.44 1.23 -26.46
CA GLN C 105 -14.41 0.28 -26.00
C GLN C 105 -13.25 1.00 -25.33
N VAL C 106 -12.52 1.76 -26.14
CA VAL C 106 -11.32 2.51 -25.72
C VAL C 106 -11.52 3.39 -24.48
N CYS C 107 -12.70 3.34 -23.86
CA CYS C 107 -12.97 4.19 -22.73
C CYS C 107 -13.79 3.59 -21.59
N GLU C 108 -14.12 2.30 -21.71
CA GLU C 108 -14.88 1.63 -20.64
C GLU C 108 -13.87 0.95 -19.69
N ARG C 109 -12.60 1.02 -20.08
CA ARG C 109 -11.49 0.51 -19.28
C ARG C 109 -10.81 1.65 -18.49
N ILE C 110 -11.01 2.88 -18.98
CA ILE C 110 -10.40 4.05 -18.37
C ILE C 110 -10.50 4.11 -16.84
N PRO C 111 -11.75 3.98 -16.29
CA PRO C 111 -12.04 4.01 -14.84
C PRO C 111 -11.18 3.02 -14.10
N THR C 112 -11.05 1.85 -14.68
CA THR C 112 -10.30 0.80 -14.07
C THR C 112 -8.79 1.08 -13.96
N ILE C 113 -8.17 1.49 -15.07
CA ILE C 113 -6.75 1.87 -15.06
C ILE C 113 -6.52 2.90 -13.97
N SER C 114 -7.50 3.79 -13.80
CA SER C 114 -7.47 4.90 -12.84
C SER C 114 -7.51 4.44 -11.39
N THR C 115 -8.45 3.56 -11.09
CA THR C 115 -8.54 3.05 -9.74
C THR C 115 -7.19 2.47 -9.36
N GLN C 116 -6.62 1.74 -10.32
CA GLN C 116 -5.34 1.10 -10.16
C GLN C 116 -4.21 2.10 -10.01
N LEU C 117 -4.35 3.27 -10.65
CA LEU C 117 -3.35 4.32 -10.57
C LEU C 117 -3.37 4.77 -9.12
N LYS C 118 -4.57 4.97 -8.61
CA LYS C 118 -4.70 5.38 -7.23
C LYS C 118 -3.98 4.39 -6.34
N ILE C 119 -4.38 3.13 -6.45
CA ILE C 119 -3.76 2.03 -5.69
C ILE C 119 -2.22 1.97 -5.77
N LEU C 120 -1.70 1.96 -6.97
CA LEU C 120 -0.25 1.92 -7.20
C LEU C 120 0.50 3.18 -6.75
N SER C 121 -0.13 4.34 -6.93
CA SER C 121 0.49 5.61 -6.51
C SER C 121 0.70 5.61 -5.02
N THR C 122 -0.31 5.17 -4.29
CA THR C 122 -0.28 5.08 -2.85
C THR C 122 0.78 4.10 -2.42
N VAL C 123 0.96 3.04 -3.19
CA VAL C 123 1.97 2.04 -2.91
C VAL C 123 3.33 2.72 -3.06
N LYS C 124 3.56 3.31 -4.23
CA LYS C 124 4.82 3.96 -4.49
C LYS C 124 5.09 5.10 -3.51
N ALA C 125 4.03 5.82 -3.12
CA ALA C 125 4.15 6.91 -2.16
C ALA C 125 4.62 6.43 -0.78
N THR C 126 4.09 5.30 -0.31
CA THR C 126 4.52 4.79 0.98
C THR C 126 5.96 4.30 0.93
N MET C 127 6.44 3.99 -0.26
CA MET C 127 7.80 3.53 -0.37
C MET C 127 8.76 4.68 -0.45
N LEU C 128 8.30 5.82 -0.92
CA LEU C 128 9.21 6.97 -1.06
C LEU C 128 9.87 7.26 0.29
N GLY C 129 11.21 7.28 0.29
CA GLY C 129 12.03 7.53 1.47
C GLY C 129 12.59 6.29 2.15
N ARG C 130 11.68 5.51 2.75
CA ARG C 130 12.03 4.28 3.47
C ARG C 130 13.06 3.45 2.75
N THR C 131 14.23 3.26 3.37
CA THR C 131 15.28 2.46 2.77
C THR C 131 15.24 1.04 3.34
N ASN C 132 14.17 0.78 4.09
CA ASN C 132 13.90 -0.53 4.67
C ASN C 132 12.94 -1.28 3.74
N ILE C 133 13.03 -0.96 2.45
CA ILE C 133 12.20 -1.55 1.40
C ILE C 133 13.13 -2.01 0.25
N SER C 134 13.13 -3.32 -0.01
CA SER C 134 14.01 -3.91 -1.03
C SER C 134 14.05 -3.08 -2.29
N ASP C 135 15.16 -3.14 -3.00
CA ASP C 135 15.28 -2.38 -4.22
C ASP C 135 14.30 -2.93 -5.22
N GLU C 136 14.18 -4.25 -5.26
CA GLU C 136 13.30 -4.90 -6.20
C GLU C 136 11.86 -4.55 -5.97
N GLU C 137 11.48 -4.47 -4.70
CA GLU C 137 10.10 -4.15 -4.35
C GLU C 137 9.71 -2.79 -4.92
N SER C 138 10.51 -1.78 -4.60
CA SER C 138 10.27 -0.40 -5.07
C SER C 138 10.37 -0.26 -6.59
N GLU C 139 11.41 -0.84 -7.16
CA GLU C 139 11.61 -0.83 -8.58
C GLU C 139 10.40 -1.45 -9.29
N GLN C 140 9.91 -2.57 -8.75
CA GLN C 140 8.75 -3.25 -9.29
C GLN C 140 7.52 -2.35 -9.10
N ALA C 141 7.38 -1.76 -7.93
CA ALA C 141 6.26 -0.85 -7.68
C ALA C 141 6.22 0.28 -8.71
N THR C 142 7.43 0.75 -9.06
CA THR C 142 7.65 1.81 -10.02
C THR C 142 7.20 1.36 -11.41
N GLU C 143 7.64 0.17 -11.77
CA GLU C 143 7.33 -0.42 -13.06
C GLU C 143 5.84 -0.59 -13.26
N MET C 144 5.16 -1.01 -12.20
CA MET C 144 3.74 -1.26 -12.25
C MET C 144 2.99 0.04 -12.48
N LEU C 145 3.54 1.09 -11.89
CA LEU C 145 2.96 2.42 -11.97
C LEU C 145 3.15 2.94 -13.38
N VAL C 146 4.40 2.93 -13.80
CA VAL C 146 4.82 3.36 -15.13
C VAL C 146 3.97 2.69 -16.21
N HIS C 147 3.71 1.40 -16.05
CA HIS C 147 2.91 0.64 -17.01
C HIS C 147 1.46 1.11 -16.98
N ASN C 148 0.92 1.30 -15.78
CA ASN C 148 -0.43 1.83 -15.60
C ASN C 148 -0.60 3.19 -16.29
N ALA C 149 0.38 4.06 -16.06
CA ALA C 149 0.42 5.42 -16.62
C ALA C 149 0.52 5.37 -18.15
N GLN C 150 1.11 4.28 -18.65
CA GLN C 150 1.24 4.12 -20.08
C GLN C 150 -0.07 3.76 -20.70
N ASN C 151 -0.81 2.88 -20.06
CA ASN C 151 -2.11 2.53 -20.58
C ASN C 151 -3.04 3.73 -20.45
N LEU C 152 -3.00 4.38 -19.30
CA LEU C 152 -3.85 5.52 -19.09
C LEU C 152 -3.66 6.56 -20.20
N MET C 153 -2.42 7.05 -20.31
CA MET C 153 -2.10 8.10 -21.27
C MET C 153 -2.55 7.71 -22.67
N GLN C 154 -2.36 6.42 -23.01
CA GLN C 154 -2.69 5.86 -24.33
C GLN C 154 -4.18 5.71 -24.48
N SER C 155 -4.82 4.98 -23.55
CA SER C 155 -6.27 4.87 -23.48
C SER C 155 -6.93 6.24 -23.67
N VAL C 156 -6.30 7.32 -23.15
CA VAL C 156 -6.87 8.66 -23.26
C VAL C 156 -6.70 9.33 -24.61
N LYS C 157 -5.52 9.13 -25.20
CA LYS C 157 -5.14 9.69 -26.49
C LYS C 157 -6.11 9.15 -27.52
N GLU C 158 -6.40 7.86 -27.37
CA GLU C 158 -7.28 7.19 -28.29
C GLU C 158 -8.71 7.70 -28.18
N THR C 159 -9.18 7.89 -26.94
CA THR C 159 -10.51 8.44 -26.70
C THR C 159 -10.69 9.84 -27.31
N VAL C 160 -9.57 10.56 -27.50
CA VAL C 160 -9.55 11.91 -28.07
C VAL C 160 -9.61 11.81 -29.60
N ARG C 161 -8.89 10.83 -30.15
CA ARG C 161 -8.87 10.61 -31.60
C ARG C 161 -10.21 10.01 -32.12
N GLU C 162 -10.84 9.18 -31.29
CA GLU C 162 -12.13 8.63 -31.65
C GLU C 162 -13.25 9.67 -31.51
N ALA C 163 -13.25 10.38 -30.37
CA ALA C 163 -14.26 11.41 -30.05
C ALA C 163 -14.42 12.43 -31.18
N GLU C 164 -13.29 12.82 -31.76
CA GLU C 164 -13.26 13.77 -32.87
C GLU C 164 -13.85 13.07 -34.12
N ALA C 165 -13.39 11.83 -34.39
CA ALA C 165 -13.97 11.05 -35.49
C ALA C 165 -15.51 11.01 -35.34
N ALA C 166 -15.99 10.66 -34.14
CA ALA C 166 -17.43 10.67 -33.84
C ALA C 166 -18.10 12.05 -33.87
N SER C 167 -17.39 13.11 -34.28
CA SER C 167 -18.00 14.45 -34.29
C SER C 167 -18.59 14.77 -35.68
N ILE C 168 -18.18 13.94 -36.64
CA ILE C 168 -18.56 14.12 -38.02
C ILE C 168 -19.74 13.23 -38.44
N LYS C 169 -20.02 12.19 -37.64
CA LYS C 169 -21.10 11.19 -37.93
C LYS C 169 -22.29 11.32 -36.99
N ILE C 170 -22.41 12.47 -36.33
CA ILE C 170 -23.43 12.61 -35.27
C ILE C 170 -24.88 12.82 -35.74
N ARG C 171 -25.78 12.00 -35.20
CA ARG C 171 -27.23 12.05 -35.49
C ARG C 171 -27.78 13.48 -35.64
N PHE C 176 -25.88 17.56 -27.05
CA PHE C 176 -24.48 17.69 -26.60
C PHE C 176 -23.49 17.63 -27.78
N THR C 177 -22.39 18.37 -27.68
CA THR C 177 -21.39 18.44 -28.75
C THR C 177 -20.05 18.93 -28.22
N LEU C 178 -19.00 18.78 -29.02
CA LEU C 178 -17.66 19.26 -28.66
C LEU C 178 -17.06 20.04 -29.84
N ARG C 179 -16.39 21.17 -29.52
CA ARG C 179 -15.74 22.05 -30.52
C ARG C 179 -14.33 21.58 -30.99
N TRP C 180 -14.27 21.18 -32.26
CA TRP C 180 -13.05 20.65 -32.83
C TRP C 180 -12.34 21.62 -33.79
N VAL C 181 -11.63 22.56 -33.20
CA VAL C 181 -10.95 23.62 -33.94
C VAL C 181 -9.45 23.52 -33.74
N ARG C 182 -8.76 22.92 -34.72
CA ARG C 182 -7.33 22.81 -34.60
C ARG C 182 -6.66 24.15 -34.29
N LYS C 183 -5.68 24.11 -33.39
CA LYS C 183 -4.93 25.30 -32.97
C LYS C 183 -4.37 26.06 -34.18
N THR C 184 -4.23 27.37 -34.01
CA THR C 184 -3.72 28.25 -35.04
C THR C 184 -3.03 29.40 -34.33
N PRO C 185 -2.25 30.18 -35.09
CA PRO C 185 -1.62 31.36 -34.49
C PRO C 185 -2.70 32.29 -33.95
N LEU D 1 30.00 67.56 2.31
CA LEU D 1 28.71 66.86 2.24
C LEU D 1 27.92 66.85 3.55
N ASP D 2 26.67 67.30 3.50
CA ASP D 2 25.77 67.33 4.66
C ASP D 2 25.59 65.93 5.25
N PRO D 3 25.01 65.81 6.46
CA PRO D 3 24.88 64.41 6.93
C PRO D 3 23.44 63.93 6.81
N GLU D 4 22.57 64.84 6.37
CA GLU D 4 21.17 64.47 6.18
C GLU D 4 21.01 64.12 4.71
N GLU D 5 21.97 64.54 3.90
CA GLU D 5 21.94 64.18 2.51
C GLU D 5 22.54 62.78 2.46
N ILE D 6 23.63 62.59 3.18
CA ILE D 6 24.29 61.32 3.21
C ILE D 6 23.34 60.21 3.59
N ARG D 7 22.62 60.39 4.69
CA ARG D 7 21.72 59.34 5.13
C ARG D 7 20.49 59.21 4.22
N LYS D 8 20.07 60.31 3.59
CA LYS D 8 18.94 60.24 2.68
C LYS D 8 19.34 59.50 1.38
N ARG D 9 20.62 59.61 1.00
CA ARG D 9 21.12 58.95 -0.21
C ARG D 9 21.24 57.45 0.06
N LEU D 10 22.00 57.12 1.11
CA LEU D 10 22.21 55.72 1.53
C LEU D 10 20.86 55.07 1.74
N GLU D 11 19.90 55.90 2.12
CA GLU D 11 18.52 55.47 2.38
C GLU D 11 17.80 55.03 1.11
N HIS D 12 17.75 55.93 0.13
CA HIS D 12 17.09 55.66 -1.15
C HIS D 12 17.69 54.42 -1.81
N THR D 13 19.02 54.31 -1.72
CA THR D 13 19.74 53.19 -2.33
C THR D 13 19.31 51.86 -1.70
N GLU D 14 19.19 51.85 -0.37
CA GLU D 14 18.75 50.65 0.35
C GLU D 14 17.34 50.19 -0.08
N ARG D 15 16.40 51.12 -0.08
CA ARG D 15 15.04 50.84 -0.53
C ARG D 15 15.08 50.21 -1.92
N GLN D 16 15.95 50.71 -2.79
CA GLN D 16 16.07 50.22 -4.15
C GLN D 16 16.65 48.81 -4.15
N PHE D 17 17.81 48.68 -3.52
CA PHE D 17 18.44 47.40 -3.44
C PHE D 17 17.50 46.31 -2.93
N ARG D 18 16.72 46.63 -1.89
CA ARG D 18 15.82 45.66 -1.27
C ARG D 18 14.47 45.49 -1.95
N ASN D 19 14.14 46.35 -2.91
CA ASN D 19 12.84 46.20 -3.57
C ASN D 19 12.80 45.06 -4.56
N ARG D 20 13.09 43.88 -4.02
CA ARG D 20 13.04 42.61 -4.75
C ARG D 20 11.59 42.10 -4.58
N ARG D 21 10.79 42.34 -5.60
CA ARG D 21 9.37 42.02 -5.57
C ARG D 21 8.98 40.88 -6.52
N LYS D 22 10.00 40.20 -7.03
CA LYS D 22 9.76 39.09 -7.92
C LYS D 22 9.94 37.71 -7.27
N ILE D 23 8.82 36.95 -7.25
CA ILE D 23 8.80 35.66 -6.59
C ILE D 23 8.65 34.46 -7.51
N LEU D 24 9.22 33.35 -7.05
CA LEU D 24 9.15 32.10 -7.80
C LEU D 24 8.54 30.98 -6.96
N ILE D 25 7.43 30.45 -7.46
CA ILE D 25 6.68 29.40 -6.78
C ILE D 25 6.91 28.10 -7.53
N ARG D 26 7.56 27.13 -6.91
CA ARG D 26 7.71 25.83 -7.55
C ARG D 26 7.00 24.74 -6.75
N GLY D 27 6.52 23.72 -7.45
CA GLY D 27 5.86 22.60 -6.83
C GLY D 27 4.37 22.57 -7.00
N LEU D 28 3.83 23.44 -7.84
CA LEU D 28 2.40 23.46 -8.00
C LEU D 28 1.83 22.23 -8.68
N PRO D 29 0.50 22.01 -8.60
CA PRO D 29 -0.04 20.88 -9.34
C PRO D 29 0.22 21.07 -10.82
N GLY D 30 0.36 19.98 -11.54
CA GLY D 30 0.58 20.09 -12.96
C GLY D 30 -0.61 20.77 -13.62
N ASP D 31 -1.79 20.58 -13.04
CA ASP D 31 -2.99 21.17 -13.63
C ASP D 31 -3.42 22.47 -12.87
N VAL D 32 -2.46 23.11 -12.20
CA VAL D 32 -2.77 24.36 -11.53
C VAL D 32 -3.21 25.32 -12.63
N THR D 33 -4.01 26.33 -12.29
CA THR D 33 -4.45 27.37 -13.24
C THR D 33 -4.03 28.76 -12.74
N ASN D 34 -4.10 29.77 -13.62
CA ASN D 34 -3.70 31.13 -13.23
C ASN D 34 -4.68 31.62 -12.15
N GLN D 35 -5.97 31.35 -12.38
CA GLN D 35 -7.00 31.64 -11.37
C GLN D 35 -6.54 31.19 -9.96
N GLU D 36 -6.10 29.94 -9.85
CA GLU D 36 -5.63 29.38 -8.59
C GLU D 36 -4.47 30.12 -7.97
N VAL D 37 -3.52 30.55 -8.79
CA VAL D 37 -2.39 31.27 -8.24
C VAL D 37 -2.85 32.63 -7.74
N HIS D 38 -3.69 33.29 -8.53
CA HIS D 38 -4.20 34.60 -8.13
C HIS D 38 -4.99 34.41 -6.84
N ASP D 39 -5.92 33.45 -6.80
CA ASP D 39 -6.72 33.16 -5.59
C ASP D 39 -5.83 32.87 -4.39
N LEU D 40 -4.75 32.12 -4.60
CA LEU D 40 -3.84 31.77 -3.52
C LEU D 40 -3.16 33.03 -2.94
N LEU D 41 -2.90 34.00 -3.81
CA LEU D 41 -2.20 35.20 -3.40
C LEU D 41 -3.10 36.42 -3.43
N SER D 42 -4.39 36.21 -3.13
CA SER D 42 -5.45 37.24 -3.12
C SER D 42 -5.19 38.41 -2.18
N ASP D 43 -4.36 38.17 -1.16
CA ASP D 43 -4.03 39.20 -0.19
C ASP D 43 -3.01 40.17 -0.72
N TYR D 44 -2.47 39.86 -1.89
CA TYR D 44 -1.43 40.67 -2.47
C TYR D 44 -1.87 41.26 -3.79
N GLU D 45 -1.10 42.25 -4.25
CA GLU D 45 -1.39 42.89 -5.50
C GLU D 45 -0.46 42.29 -6.53
N LEU D 46 -1.03 41.52 -7.45
CA LEU D 46 -0.26 40.81 -8.47
C LEU D 46 -0.11 41.70 -9.65
N LYS D 47 1.09 42.20 -9.89
CA LYS D 47 1.28 43.03 -11.06
C LYS D 47 1.56 42.13 -12.23
N TYR D 48 2.13 40.96 -11.94
CA TYR D 48 2.42 40.02 -13.01
C TYR D 48 2.37 38.58 -12.54
N CYS D 49 1.78 37.73 -13.38
CA CYS D 49 1.71 36.32 -13.06
C CYS D 49 1.84 35.40 -14.27
N PHE D 50 2.91 34.62 -14.28
CA PHE D 50 3.08 33.64 -15.34
C PHE D 50 3.32 32.26 -14.77
N VAL D 51 2.54 31.31 -15.31
CA VAL D 51 2.63 29.91 -14.89
C VAL D 51 3.23 28.94 -15.92
N ASP D 52 4.44 28.46 -15.62
CA ASP D 52 5.08 27.43 -16.45
C ASP D 52 4.48 26.12 -15.98
N LYS D 53 3.43 25.67 -16.68
CA LYS D 53 2.75 24.43 -16.30
C LYS D 53 3.57 23.14 -16.45
N TYR D 54 4.55 23.12 -17.34
CA TYR D 54 5.40 21.93 -17.50
C TYR D 54 6.30 21.84 -16.28
N LYS D 55 6.64 22.96 -15.67
CA LYS D 55 7.53 22.90 -14.53
C LYS D 55 6.85 22.96 -13.15
N GLY D 56 5.56 23.34 -13.09
CA GLY D 56 4.84 23.48 -11.84
C GLY D 56 5.40 24.69 -11.08
N THR D 57 5.78 25.68 -11.87
CA THR D 57 6.34 26.91 -11.31
C THR D 57 5.45 28.08 -11.76
N ALA D 58 5.52 29.18 -11.04
CA ALA D 58 4.84 30.38 -11.45
C ALA D 58 5.76 31.54 -11.12
N PHE D 59 5.88 32.41 -12.11
CA PHE D 59 6.69 33.63 -12.00
C PHE D 59 5.71 34.75 -11.68
N VAL D 60 5.88 35.34 -10.51
CA VAL D 60 4.94 36.35 -10.07
C VAL D 60 5.55 37.68 -9.68
N THR D 61 4.88 38.74 -10.10
CA THR D 61 5.30 40.08 -9.73
C THR D 61 4.26 40.73 -8.83
N LEU D 62 4.66 40.97 -7.59
CA LEU D 62 3.80 41.59 -6.60
C LEU D 62 4.04 43.11 -6.56
N LEU D 63 3.45 43.80 -5.61
CA LEU D 63 3.58 45.25 -5.57
C LEU D 63 5.00 45.69 -5.20
N ASN D 64 5.56 45.06 -4.18
CA ASN D 64 6.88 45.44 -3.68
C ASN D 64 7.59 44.32 -2.92
N GLY D 65 8.77 44.63 -2.40
CA GLY D 65 9.51 43.64 -1.65
C GLY D 65 8.85 43.29 -0.33
N GLU D 66 7.98 44.16 0.16
CA GLU D 66 7.32 43.89 1.43
C GLU D 66 6.29 42.79 1.20
N GLN D 67 5.63 42.84 0.04
CA GLN D 67 4.62 41.86 -0.32
C GLN D 67 5.31 40.56 -0.66
N ALA D 68 6.40 40.64 -1.41
CA ALA D 68 7.18 39.45 -1.79
C ALA D 68 7.66 38.69 -0.57
N GLU D 69 8.21 39.39 0.40
CA GLU D 69 8.61 38.78 1.66
C GLU D 69 7.40 38.08 2.27
N ALA D 70 6.34 38.86 2.55
CA ALA D 70 5.10 38.36 3.14
C ALA D 70 4.63 37.07 2.46
N ALA D 71 4.55 37.07 1.14
CA ALA D 71 4.11 35.90 0.38
C ALA D 71 5.03 34.70 0.66
N ILE D 72 6.33 34.90 0.56
CA ILE D 72 7.29 33.85 0.85
C ILE D 72 7.05 33.27 2.25
N ASN D 73 7.04 34.12 3.27
CA ASN D 73 6.82 33.66 4.63
C ASN D 73 5.56 32.82 4.72
N ALA D 74 4.48 33.35 4.16
CA ALA D 74 3.16 32.74 4.23
C ALA D 74 3.01 31.42 3.49
N PHE D 75 3.63 31.34 2.32
CA PHE D 75 3.39 30.24 1.41
C PHE D 75 4.52 29.26 1.10
N HIS D 76 5.73 29.66 1.41
CA HIS D 76 6.83 28.75 1.18
C HIS D 76 6.64 27.55 2.11
N GLN D 77 6.69 26.36 1.51
CA GLN D 77 6.45 25.11 2.20
C GLN D 77 4.99 24.88 2.59
N SER D 78 4.11 25.74 2.10
CA SER D 78 2.69 25.65 2.31
C SER D 78 2.26 24.46 1.43
N ARG D 79 1.01 24.01 1.54
CA ARG D 79 0.51 22.91 0.74
C ARG D 79 -0.67 23.43 -0.03
N LEU D 80 -0.66 23.17 -1.32
CA LEU D 80 -1.74 23.57 -2.13
C LEU D 80 -2.21 22.30 -2.83
N ARG D 81 -3.39 21.84 -2.48
CA ARG D 81 -3.94 20.66 -3.11
C ARG D 81 -2.97 19.49 -2.92
N GLU D 82 -2.55 19.39 -1.66
CA GLU D 82 -1.67 18.34 -1.17
C GLU D 82 -0.24 18.43 -1.60
N ARG D 83 0.03 19.39 -2.46
CA ARG D 83 1.37 19.61 -3.00
C ARG D 83 2.10 20.56 -2.14
N GLU D 84 3.36 20.26 -1.85
CA GLU D 84 4.16 21.18 -1.05
C GLU D 84 4.88 22.21 -1.91
N LEU D 85 4.48 23.47 -1.78
CA LEU D 85 5.08 24.56 -2.54
C LEU D 85 6.40 25.10 -2.03
N SER D 86 7.22 25.58 -2.96
CA SER D 86 8.43 26.34 -2.65
C SER D 86 8.12 27.74 -3.18
N VAL D 87 8.33 28.74 -2.35
CA VAL D 87 8.07 30.12 -2.74
C VAL D 87 9.29 30.89 -2.29
N GLN D 88 10.03 31.41 -3.25
CA GLN D 88 11.22 32.19 -2.96
C GLN D 88 11.47 33.28 -3.98
N LEU D 89 12.42 34.17 -3.70
CA LEU D 89 12.64 35.27 -4.64
C LEU D 89 13.14 34.79 -5.97
N GLN D 90 12.50 35.25 -7.02
CA GLN D 90 12.90 34.90 -8.37
C GLN D 90 14.37 35.28 -8.55
N PRO D 91 15.07 34.65 -9.50
CA PRO D 91 16.50 34.93 -9.73
C PRO D 91 16.83 36.20 -10.56
N THR D 92 17.99 36.79 -10.26
CA THR D 92 18.49 38.01 -10.94
C THR D 92 18.54 37.75 -12.45
N ASP D 93 17.68 38.45 -13.17
CA ASP D 93 17.55 38.28 -14.61
C ASP D 93 18.35 39.35 -15.39
N ALA D 94 17.76 40.54 -15.50
CA ALA D 94 18.31 41.68 -16.23
C ALA D 94 18.96 42.71 -15.34
N LEU D 95 20.00 42.30 -14.60
CA LEU D 95 20.72 43.19 -13.69
C LEU D 95 22.06 43.64 -14.28
N LEU D 96 22.14 44.93 -14.60
CA LEU D 96 23.35 45.51 -15.15
C LEU D 96 24.06 46.36 -14.11
N CYS D 97 25.36 46.53 -14.27
CA CYS D 97 26.07 47.47 -13.45
C CYS D 97 26.75 48.43 -14.43
N VAL D 98 26.38 49.70 -14.35
CA VAL D 98 26.94 50.70 -15.23
C VAL D 98 28.05 51.43 -14.49
N ALA D 99 29.30 51.18 -14.86
CA ALA D 99 30.41 51.82 -14.16
C ALA D 99 31.15 52.92 -14.92
N ASN D 100 32.06 53.56 -14.19
CA ASN D 100 32.87 54.63 -14.75
C ASN D 100 32.02 55.87 -15.07
N LEU D 101 30.87 55.97 -14.40
CA LEU D 101 29.98 57.14 -14.49
C LEU D 101 30.67 58.37 -13.94
N PRO D 102 30.25 59.55 -14.39
CA PRO D 102 30.78 60.79 -13.81
C PRO D 102 30.58 60.76 -12.29
N PRO D 103 31.65 61.01 -11.52
CA PRO D 103 31.52 60.92 -10.06
C PRO D 103 30.44 61.83 -9.52
N SER D 104 30.11 62.87 -10.28
CA SER D 104 29.07 63.84 -9.90
C SER D 104 27.65 63.49 -10.38
N LEU D 105 27.52 62.50 -11.26
CA LEU D 105 26.22 62.11 -11.80
C LEU D 105 25.26 61.85 -10.67
N THR D 106 24.05 62.40 -10.74
CA THR D 106 23.08 62.17 -9.65
C THR D 106 22.24 60.97 -9.92
N GLN D 107 21.61 60.49 -8.84
CA GLN D 107 20.75 59.32 -8.88
C GLN D 107 19.63 59.51 -9.85
N GLN D 108 19.09 60.71 -9.89
CA GLN D 108 18.00 60.99 -10.82
C GLN D 108 18.52 61.06 -12.24
N GLN D 109 19.81 61.35 -12.39
CA GLN D 109 20.41 61.46 -13.73
C GLN D 109 20.71 60.08 -14.17
N PHE D 110 21.19 59.29 -13.24
CA PHE D 110 21.41 57.88 -13.50
C PHE D 110 20.11 57.26 -14.02
N GLU D 111 19.03 57.41 -13.28
CA GLU D 111 17.73 56.91 -13.67
C GLU D 111 17.29 57.35 -15.08
N GLU D 112 17.54 58.61 -15.41
CA GLU D 112 17.19 59.16 -16.72
C GLU D 112 18.01 58.55 -17.84
N LEU D 113 19.20 58.11 -17.48
CA LEU D 113 20.18 57.56 -18.39
C LEU D 113 19.81 56.15 -18.77
N VAL D 114 19.51 55.38 -17.75
CA VAL D 114 19.27 53.96 -17.86
C VAL D 114 17.80 53.56 -18.13
N ARG D 115 16.88 54.49 -17.84
CA ARG D 115 15.44 54.26 -17.98
C ARG D 115 14.88 54.03 -19.40
N PRO D 116 15.32 54.79 -20.40
CA PRO D 116 14.75 54.64 -21.75
C PRO D 116 14.78 53.26 -22.44
N PHE D 117 15.61 52.33 -21.94
CA PHE D 117 15.68 50.98 -22.52
C PHE D 117 14.54 50.07 -22.10
N GLY D 118 13.78 50.49 -21.09
CA GLY D 118 12.64 49.75 -20.59
C GLY D 118 12.34 49.96 -19.12
N SER D 119 11.15 49.51 -18.72
CA SER D 119 10.72 49.66 -17.35
C SER D 119 11.73 49.05 -16.41
N LEU D 120 11.98 49.75 -15.32
CA LEU D 120 12.96 49.34 -14.34
C LEU D 120 12.28 48.74 -13.14
N GLU D 121 13.01 47.84 -12.46
CA GLU D 121 12.54 47.16 -11.28
C GLU D 121 13.26 47.80 -10.10
N ARG D 122 14.55 48.07 -10.27
CA ARG D 122 15.40 48.69 -9.26
C ARG D 122 16.40 49.54 -10.04
N CYS D 123 16.87 50.62 -9.43
CA CYS D 123 17.83 51.52 -10.05
C CYS D 123 18.52 52.37 -9.00
N PHE D 124 19.79 52.09 -8.74
CA PHE D 124 20.46 52.79 -7.67
C PHE D 124 21.93 52.97 -7.90
N LEU D 125 22.42 54.17 -7.58
CA LEU D 125 23.85 54.47 -7.59
C LEU D 125 24.36 53.87 -6.26
N VAL D 126 25.67 53.71 -6.12
CA VAL D 126 26.26 53.16 -4.89
C VAL D 126 27.15 54.26 -4.37
N TYR D 127 26.83 54.75 -3.17
CA TYR D 127 27.62 55.83 -2.57
C TYR D 127 28.50 55.32 -1.46
N SER D 128 29.48 56.14 -1.07
CA SER D 128 30.37 55.80 0.06
C SER D 128 29.58 55.90 1.37
N GLU D 129 29.83 54.98 2.29
CA GLU D 129 29.10 55.00 3.56
C GLU D 129 29.39 56.28 4.36
N ARG D 130 30.68 56.61 4.51
CA ARG D 130 31.11 57.83 5.20
C ARG D 130 30.74 59.09 4.40
N THR D 131 31.47 59.33 3.32
CA THR D 131 31.27 60.48 2.44
C THR D 131 29.87 60.79 1.91
N GLY D 132 29.17 59.78 1.40
CA GLY D 132 27.86 60.01 0.79
C GLY D 132 27.97 60.33 -0.70
N GLN D 133 29.18 60.22 -1.26
CA GLN D 133 29.44 60.48 -2.68
C GLN D 133 29.39 59.22 -3.56
N SER D 134 28.73 59.37 -4.71
CA SER D 134 28.62 58.34 -5.72
C SER D 134 29.98 57.73 -5.99
N LYS D 135 30.04 56.40 -5.99
CA LYS D 135 31.26 55.63 -6.26
C LYS D 135 31.53 55.54 -7.78
N GLY D 136 30.68 56.19 -8.58
CA GLY D 136 30.83 56.21 -10.01
C GLY D 136 30.25 55.00 -10.71
N TYR D 137 29.38 54.30 -10.02
CA TYR D 137 28.73 53.17 -10.65
C TYR D 137 27.40 52.94 -9.96
N GLY D 138 26.54 52.22 -10.66
CA GLY D 138 25.18 51.96 -10.20
C GLY D 138 24.67 50.73 -10.90
N PHE D 139 23.49 50.33 -10.50
CA PHE D 139 22.88 49.11 -10.99
C PHE D 139 21.54 49.41 -11.55
N ALA D 140 21.15 48.66 -12.57
CA ALA D 140 19.85 48.83 -13.17
C ALA D 140 19.31 47.46 -13.48
N GLU D 141 18.11 47.17 -12.97
CA GLU D 141 17.41 45.91 -13.24
C GLU D 141 16.11 46.26 -13.91
N TYR D 142 15.90 45.68 -15.10
CA TYR D 142 14.70 45.93 -15.88
C TYR D 142 13.65 44.87 -15.58
N MET D 143 12.46 45.02 -16.17
CA MET D 143 11.41 44.02 -15.98
C MET D 143 11.66 42.89 -17.02
N LYS D 144 12.32 43.24 -18.11
CA LYS D 144 12.62 42.32 -19.22
C LYS D 144 14.13 42.24 -19.50
N LYS D 145 14.63 41.02 -19.75
CA LYS D 145 16.06 40.78 -20.04
C LYS D 145 16.38 41.45 -21.37
N ASP D 146 15.34 41.55 -22.18
CA ASP D 146 15.37 42.17 -23.50
C ASP D 146 15.94 43.57 -23.41
N SER D 147 15.47 44.30 -22.40
CA SER D 147 15.84 45.70 -22.21
C SER D 147 17.24 45.82 -21.65
N ALA D 148 17.60 44.96 -20.70
CA ALA D 148 18.93 44.96 -20.12
C ALA D 148 19.93 44.80 -21.25
N ALA D 149 19.50 44.02 -22.25
CA ALA D 149 20.29 43.72 -23.44
C ALA D 149 20.48 45.01 -24.25
N ARG D 150 19.37 45.65 -24.59
CA ARG D 150 19.40 46.90 -25.35
C ARG D 150 20.37 47.90 -24.68
N ALA D 151 20.19 48.12 -23.38
CA ALA D 151 21.06 49.01 -22.58
C ALA D 151 22.57 48.69 -22.60
N LYS D 152 22.94 47.46 -22.24
CA LYS D 152 24.36 47.10 -22.18
C LYS D 152 25.02 47.36 -23.52
N SER D 153 24.24 47.17 -24.56
CA SER D 153 24.74 47.39 -25.89
C SER D 153 24.92 48.91 -26.19
N ASP D 154 23.89 49.71 -25.91
CA ASP D 154 23.89 51.15 -26.22
C ASP D 154 24.78 51.91 -25.27
N LEU D 155 24.99 51.35 -24.08
CA LEU D 155 25.73 52.03 -23.01
C LEU D 155 27.21 51.68 -22.87
N LEU D 156 27.57 50.42 -23.13
CA LEU D 156 28.96 50.01 -23.05
C LEU D 156 29.72 50.89 -24.08
N GLY D 157 30.74 51.62 -23.61
CA GLY D 157 31.46 52.55 -24.47
C GLY D 157 30.84 53.95 -24.58
N LYS D 158 29.55 54.12 -24.33
CA LYS D 158 28.97 55.45 -24.47
C LYS D 158 29.80 56.55 -23.76
N PRO D 159 29.92 57.70 -24.41
CA PRO D 159 30.65 58.68 -23.59
C PRO D 159 29.60 59.42 -22.79
N LEU D 160 29.90 59.66 -21.52
CA LEU D 160 29.07 60.49 -20.67
C LEU D 160 30.19 61.38 -20.17
N GLY D 161 30.10 62.68 -20.44
CA GLY D 161 31.18 63.59 -20.11
C GLY D 161 32.56 63.13 -20.62
N PRO D 162 33.59 63.29 -19.78
CA PRO D 162 34.98 62.92 -20.08
C PRO D 162 35.21 61.42 -19.83
N ARG D 163 34.12 60.71 -19.58
CA ARG D 163 34.18 59.28 -19.27
C ARG D 163 33.61 58.43 -20.39
N THR D 164 34.09 57.20 -20.45
CA THR D 164 33.46 56.20 -21.32
C THR D 164 32.85 55.07 -20.47
N LEU D 165 31.53 54.90 -20.62
CA LEU D 165 30.82 53.92 -19.82
C LEU D 165 31.25 52.45 -19.95
N TYR D 166 31.20 51.75 -18.83
CA TYR D 166 31.48 50.33 -18.83
C TYR D 166 30.28 49.56 -18.27
N VAL D 167 29.59 48.78 -19.11
CA VAL D 167 28.46 48.01 -18.65
C VAL D 167 28.82 46.58 -18.43
N HIS D 168 28.23 45.97 -17.41
CA HIS D 168 28.48 44.57 -17.17
C HIS D 168 27.36 43.81 -16.47
N TRP D 169 27.11 42.58 -16.92
CA TRP D 169 26.08 41.73 -16.37
C TRP D 169 26.43 41.23 -14.99
N THR D 170 25.46 41.29 -14.08
CA THR D 170 25.63 40.74 -12.74
C THR D 170 24.64 39.61 -12.47
N ASP D 171 25.15 38.48 -11.99
CA ASP D 171 24.64 37.18 -12.39
C ASP D 171 23.19 37.00 -12.00
N ALA D 172 22.85 37.46 -10.80
CA ALA D 172 22.51 36.58 -9.70
C ALA D 172 23.67 35.62 -9.39
N GLY D 173 24.89 36.14 -9.48
CA GLY D 173 25.10 37.55 -9.73
C GLY D 173 24.45 38.43 -8.67
N GLN D 174 24.51 37.98 -7.43
CA GLN D 174 23.63 38.50 -6.38
C GLN D 174 24.43 39.17 -5.27
N LEU D 175 24.02 40.39 -4.91
CA LEU D 175 24.86 41.26 -4.09
C LEU D 175 24.18 41.58 -2.76
N THR D 176 24.91 41.41 -1.66
CA THR D 176 24.42 41.79 -0.36
C THR D 176 24.83 43.25 -0.22
N PRO D 177 24.42 43.94 0.86
CA PRO D 177 24.89 45.33 0.79
C PRO D 177 26.43 45.41 0.83
N ALA D 178 27.04 44.34 1.31
CA ALA D 178 28.50 44.22 1.39
C ALA D 178 29.16 44.14 0.01
N LEU D 179 28.53 43.38 -0.89
CA LEU D 179 29.03 43.19 -2.24
C LEU D 179 28.75 44.35 -3.20
N LEU D 180 27.87 45.26 -2.79
CA LEU D 180 27.56 46.42 -3.61
C LEU D 180 28.81 47.32 -3.66
N HIS D 181 29.61 47.25 -2.61
CA HIS D 181 30.83 48.05 -2.54
C HIS D 181 32.00 47.34 -3.15
N SER D 182 32.47 47.92 -4.26
CA SER D 182 33.59 47.38 -5.01
C SER D 182 34.89 47.36 -4.24
N ARG D 183 35.77 46.46 -4.67
CA ARG D 183 37.10 46.24 -4.06
C ARG D 183 38.17 46.60 -5.10
N CYS D 184 37.75 46.73 -6.36
CA CYS D 184 38.66 47.03 -7.49
C CYS D 184 38.64 48.48 -7.94
N LEU D 185 39.81 48.97 -8.33
CA LEU D 185 39.97 50.35 -8.75
C LEU D 185 40.53 50.46 -10.15
N CYS D 186 40.32 51.62 -10.75
CA CYS D 186 40.86 51.88 -12.07
C CYS D 186 41.65 53.18 -12.07
N VAL D 187 42.93 53.06 -12.42
CA VAL D 187 43.78 54.21 -12.54
C VAL D 187 43.94 54.51 -14.01
N ASP D 188 43.51 55.67 -14.44
CA ASP D 188 43.73 56.02 -15.83
C ASP D 188 44.31 57.42 -15.82
N ARG D 189 44.35 58.06 -16.98
CA ARG D 189 44.91 59.39 -17.09
C ARG D 189 46.43 59.22 -16.90
N LEU D 190 46.91 57.99 -17.11
CA LEU D 190 48.34 57.65 -17.00
C LEU D 190 49.17 58.34 -18.07
N PRO D 191 50.40 58.76 -17.73
CA PRO D 191 51.19 59.45 -18.76
C PRO D 191 51.45 58.59 -20.01
N PRO D 192 51.70 59.28 -21.16
CA PRO D 192 51.94 58.46 -22.36
C PRO D 192 53.09 57.45 -22.21
N GLY D 193 52.84 56.24 -22.71
CA GLY D 193 53.78 55.15 -22.71
C GLY D 193 54.10 54.69 -21.33
N PHE D 194 53.48 55.31 -20.32
CA PHE D 194 54.08 55.35 -18.98
C PHE D 194 54.19 53.96 -18.39
N ASN D 195 55.30 53.68 -17.72
CA ASN D 195 55.73 52.32 -17.45
C ASN D 195 56.12 52.05 -15.99
N ASP D 196 55.12 51.94 -15.12
CA ASP D 196 55.24 51.11 -13.93
C ASP D 196 54.17 50.01 -13.88
N VAL D 197 54.60 48.77 -13.66
CA VAL D 197 53.99 47.91 -12.65
C VAL D 197 54.16 48.44 -11.23
N ASP D 198 55.35 48.95 -10.95
CA ASP D 198 55.83 49.09 -9.56
C ASP D 198 55.74 50.46 -8.89
N ALA D 199 56.18 51.51 -9.57
CA ALA D 199 56.09 52.84 -9.00
C ALA D 199 54.59 53.08 -8.68
N LEU D 200 53.72 52.92 -9.74
CA LEU D 200 52.28 53.06 -9.67
C LEU D 200 51.69 52.22 -8.54
N CYS D 201 51.99 50.93 -8.53
CA CYS D 201 51.45 50.03 -7.52
C CYS D 201 51.98 50.39 -6.15
N ARG D 202 53.14 51.04 -6.15
CA ARG D 202 53.78 51.48 -4.91
C ARG D 202 53.03 52.74 -4.44
N ALA D 203 52.66 53.59 -5.40
CA ALA D 203 51.89 54.80 -5.12
C ALA D 203 50.58 54.39 -4.45
N LEU D 204 49.95 53.37 -5.04
CA LEU D 204 48.66 52.87 -4.59
C LEU D 204 48.59 52.09 -3.28
N SER D 205 49.74 51.92 -2.64
CA SER D 205 49.81 51.20 -1.37
C SER D 205 49.97 52.17 -0.21
N ALA D 206 49.98 53.46 -0.51
CA ALA D 206 50.15 54.47 0.52
C ALA D 206 49.14 54.43 1.67
N VAL D 207 48.23 53.45 1.65
CA VAL D 207 47.24 53.32 2.72
C VAL D 207 46.97 51.89 3.08
N HIS D 208 46.86 51.05 2.04
CA HIS D 208 46.58 49.64 2.19
C HIS D 208 47.25 49.01 0.99
N SER D 209 47.52 47.71 1.04
CA SER D 209 48.22 47.08 -0.08
C SER D 209 47.35 46.35 -1.12
N PRO D 210 47.65 46.56 -2.42
CA PRO D 210 46.83 45.90 -3.43
C PRO D 210 47.13 44.39 -3.51
N THR D 211 46.05 43.60 -3.56
CA THR D 211 46.13 42.15 -3.70
C THR D 211 46.29 41.81 -5.20
N PHE D 212 46.10 42.84 -6.04
CA PHE D 212 46.24 42.74 -7.50
C PHE D 212 46.61 44.13 -8.00
N CYS D 213 47.34 44.21 -9.11
CA CYS D 213 47.78 45.50 -9.62
C CYS D 213 48.57 45.33 -10.91
N GLN D 214 47.99 45.73 -12.03
CA GLN D 214 48.64 45.52 -13.30
C GLN D 214 48.26 46.59 -14.28
N LEU D 215 49.08 46.77 -15.30
CA LEU D 215 48.82 47.75 -16.34
C LEU D 215 47.93 47.12 -17.38
N ALA D 216 47.48 47.95 -18.33
CA ALA D 216 46.61 47.50 -19.41
C ALA D 216 47.41 47.27 -20.67
N CYS D 217 47.73 46.00 -20.92
CA CYS D 217 48.51 45.61 -22.10
C CYS D 217 47.68 44.95 -23.19
N GLY D 218 47.53 45.66 -24.31
CA GLY D 218 46.75 45.21 -25.45
C GLY D 218 47.23 43.90 -26.03
N GLN D 219 46.44 43.36 -26.96
CA GLN D 219 46.79 42.13 -27.63
C GLN D 219 47.38 42.48 -29.00
N ASP D 220 47.91 43.70 -29.05
CA ASP D 220 48.58 44.24 -30.23
C ASP D 220 50.04 44.34 -29.77
N GLY D 221 50.20 44.06 -28.48
CA GLY D 221 51.41 44.14 -27.68
C GLY D 221 51.32 45.45 -26.92
N GLN D 222 50.45 46.32 -27.44
CA GLN D 222 50.23 47.67 -26.93
C GLN D 222 50.04 47.86 -25.43
N LEU D 223 49.87 49.12 -25.05
CA LEU D 223 49.66 49.52 -23.68
C LEU D 223 48.45 50.44 -23.73
N LYS D 224 47.41 50.11 -22.98
CA LYS D 224 46.24 50.96 -22.94
C LYS D 224 46.49 51.85 -21.73
N GLY D 225 46.12 53.11 -21.82
CA GLY D 225 46.45 54.07 -20.77
C GLY D 225 45.79 53.95 -19.43
N PHE D 226 45.88 52.76 -18.82
CA PHE D 226 45.25 52.50 -17.51
C PHE D 226 45.75 51.27 -16.73
N ALA D 227 45.21 51.12 -15.53
CA ALA D 227 45.57 50.02 -14.62
C ALA D 227 44.38 49.65 -13.72
N VAL D 228 44.37 48.39 -13.28
CA VAL D 228 43.32 47.84 -12.43
C VAL D 228 43.91 47.25 -11.14
N LEU D 229 43.32 47.58 -9.99
CA LEU D 229 43.78 47.07 -8.70
C LEU D 229 42.67 46.36 -7.94
N GLU D 230 43.07 45.58 -6.96
CA GLU D 230 42.14 44.90 -6.07
C GLU D 230 42.67 45.12 -4.67
N TYR D 231 41.77 45.10 -3.71
CA TYR D 231 42.12 45.28 -2.30
C TYR D 231 41.29 44.26 -1.54
N GLU D 232 41.84 43.80 -0.43
CA GLU D 232 41.19 42.77 0.36
C GLU D 232 39.71 43.09 0.64
N THR D 233 39.46 44.30 1.12
CA THR D 233 38.10 44.70 1.43
C THR D 233 37.64 45.91 0.62
N ALA D 234 36.33 46.16 0.64
CA ALA D 234 35.75 47.30 -0.04
C ALA D 234 36.14 48.61 0.68
N GLU D 235 36.58 48.47 1.93
CA GLU D 235 36.97 49.60 2.77
C GLU D 235 38.39 50.06 2.44
N MET D 236 39.26 49.08 2.21
CA MET D 236 40.63 49.37 1.88
C MET D 236 40.67 49.99 0.49
N ALA D 237 39.76 49.54 -0.37
CA ALA D 237 39.64 50.06 -1.72
C ALA D 237 39.17 51.52 -1.64
N GLU D 238 38.01 51.72 -1.02
CA GLU D 238 37.47 53.05 -0.80
C GLU D 238 38.54 54.05 -0.28
N GLU D 239 39.22 53.69 0.81
CA GLU D 239 40.26 54.53 1.41
C GLU D 239 41.44 54.84 0.49
N ALA D 240 41.83 53.84 -0.29
CA ALA D 240 42.93 54.00 -1.25
C ALA D 240 42.57 55.00 -2.38
N GLN D 241 41.37 54.86 -2.93
CA GLN D 241 40.86 55.74 -3.98
C GLN D 241 40.87 57.20 -3.51
N GLN D 242 40.39 57.39 -2.28
CA GLN D 242 40.29 58.71 -1.64
C GLN D 242 41.63 59.44 -1.68
N GLN D 243 42.65 58.73 -1.22
CA GLN D 243 44.00 59.27 -1.17
C GLN D 243 44.71 59.41 -2.52
N ALA D 244 44.55 58.41 -3.39
CA ALA D 244 45.25 58.34 -4.69
C ALA D 244 44.75 59.23 -5.82
N ASP D 245 43.44 59.45 -5.87
CA ASP D 245 42.84 60.26 -6.93
C ASP D 245 43.40 61.68 -7.00
N GLY D 246 43.82 62.09 -8.20
CA GLY D 246 44.36 63.42 -8.43
C GLY D 246 45.87 63.48 -8.38
N LEU D 247 46.46 62.46 -7.77
CA LEU D 247 47.88 62.39 -7.57
C LEU D 247 48.70 62.69 -8.81
N SER D 248 49.80 63.44 -8.63
CA SER D 248 50.69 63.69 -9.71
C SER D 248 51.62 62.49 -9.82
N LEU D 249 51.80 62.02 -11.06
CA LEU D 249 52.69 60.90 -11.37
C LEU D 249 53.01 61.12 -12.80
N GLY D 250 54.28 60.93 -13.17
CA GLY D 250 54.73 61.21 -14.52
C GLY D 250 54.42 62.67 -14.71
N GLY D 251 54.31 63.14 -15.94
CA GLY D 251 53.96 64.55 -16.04
C GLY D 251 52.47 64.81 -15.88
N SER D 252 51.73 63.91 -15.22
CA SER D 252 50.29 64.06 -15.15
C SER D 252 49.54 63.71 -13.85
N HIS D 253 48.24 63.96 -13.87
CA HIS D 253 47.42 63.73 -12.71
C HIS D 253 46.57 62.48 -12.84
N LEU D 254 46.73 61.54 -11.92
CA LEU D 254 45.98 60.32 -12.05
C LEU D 254 44.49 60.42 -11.75
N ARG D 255 43.69 59.69 -12.53
CA ARG D 255 42.27 59.55 -12.26
C ARG D 255 42.07 58.20 -11.62
N VAL D 256 41.55 58.17 -10.42
CA VAL D 256 41.36 56.90 -9.76
C VAL D 256 39.87 56.62 -9.51
N SER D 257 39.29 55.72 -10.28
CA SER D 257 37.87 55.37 -10.12
C SER D 257 37.60 53.94 -9.67
N PHE D 258 36.40 53.71 -9.16
CA PHE D 258 35.97 52.37 -8.78
C PHE D 258 35.61 51.55 -10.02
N CYS D 259 35.90 50.26 -9.93
CA CYS D 259 35.51 49.32 -10.98
C CYS D 259 34.18 48.74 -10.55
N ALA D 260 33.36 48.29 -11.48
CA ALA D 260 32.10 47.70 -11.05
C ALA D 260 32.37 46.57 -10.03
N PRO D 261 31.58 46.51 -8.94
CA PRO D 261 31.94 45.42 -8.04
C PRO D 261 31.59 44.09 -8.70
N GLY D 262 32.19 43.02 -8.18
CA GLY D 262 31.99 41.67 -8.68
C GLY D 262 33.32 41.02 -9.01
N PRO D 263 33.67 41.01 -10.29
CA PRO D 263 34.90 40.42 -10.79
C PRO D 263 36.12 40.80 -9.95
N PRO D 264 37.21 40.03 -10.08
CA PRO D 264 38.43 40.43 -9.37
C PRO D 264 39.36 41.06 -10.43
N GLY D 265 40.46 41.67 -9.97
CA GLY D 265 41.41 42.34 -10.83
C GLY D 265 41.66 41.70 -12.19
N ARG D 266 41.89 40.39 -12.14
CA ARG D 266 42.19 39.61 -13.32
C ARG D 266 41.19 39.84 -14.42
N SER D 267 39.95 39.52 -14.11
CA SER D 267 38.83 39.62 -15.04
C SER D 267 38.51 41.04 -15.49
N MET D 268 38.36 41.94 -14.52
CA MET D 268 38.07 43.35 -14.80
C MET D 268 39.05 43.92 -15.84
N LEU D 269 40.32 43.59 -15.66
CA LEU D 269 41.34 44.04 -16.59
C LEU D 269 40.98 43.74 -18.07
N ALA D 270 40.76 42.46 -18.35
CA ALA D 270 40.42 42.01 -19.70
C ALA D 270 39.12 42.63 -20.16
N ALA D 271 38.13 42.65 -19.26
CA ALA D 271 36.83 43.21 -19.60
C ALA D 271 37.02 44.64 -20.10
N LEU D 272 37.79 45.43 -19.34
CA LEU D 272 38.03 46.83 -19.68
C LEU D 272 38.83 46.94 -20.97
N ILE D 273 39.90 46.16 -21.03
CA ILE D 273 40.74 46.14 -22.22
C ILE D 273 39.87 45.90 -23.46
N ALA D 274 39.07 44.83 -23.39
CA ALA D 274 38.16 44.46 -24.46
C ALA D 274 36.99 45.44 -24.70
N ALA D 275 36.46 46.02 -23.63
CA ALA D 275 35.35 46.98 -23.77
C ALA D 275 35.85 48.18 -24.58
N GLN D 276 36.89 48.82 -24.07
CA GLN D 276 37.54 49.94 -24.75
C GLN D 276 38.01 49.47 -26.11
N ALA D 277 38.33 48.19 -26.20
CA ALA D 277 38.77 47.58 -27.44
C ALA D 277 37.70 47.86 -28.49
N THR D 278 36.46 47.49 -28.19
CA THR D 278 35.34 47.73 -29.10
C THR D 278 35.14 49.23 -29.36
N ALA D 279 36.25 49.91 -29.65
CA ALA D 279 36.31 51.35 -29.92
C ALA D 279 35.60 51.78 -31.21
N LEU D 280 35.90 51.12 -32.33
CA LEU D 280 35.27 51.42 -33.62
C LEU D 280 35.21 52.92 -34.01
#